data_6NPD
#
_entry.id   6NPD
#
_cell.length_a   87.564
_cell.length_b   87.564
_cell.length_c   221.119
_cell.angle_alpha   90.000
_cell.angle_beta   90.000
_cell.angle_gamma   90.000
#
_symmetry.space_group_name_H-M   'P 41 21 2'
#
loop_
_entity.id
_entity.type
_entity.pdbx_description
1 polymer 'TmpA, 2-trimethylaminoethylphosphonate hydroxylase'
2 non-polymer 'FE (II) ION'
3 non-polymer (2R)-2-hydroxy-N,N,N-trimethyl-2-phosphonoethan-1-aminium
4 water water
#
_entity_poly.entity_id   1
_entity_poly.type   'polypeptide(L)'
_entity_poly.pdbx_seq_one_letter_code
;HHHHHHMPRSVTADASGSFLTLTFEDGSESRFHAIWLRDNALDPETRSPGNGQRLITIGDIPADTRISTALVDDGALTVT
FAPEGKTVTFPGKWLKSNAYDTDQSSEVGRTSPDVETWDSSQPAPAFDWNEVQSDPKAKRDWLDAIARLGFAKLVNGPVR
EGALIECASMFGFVRETNYGKYFEVRTEVNPTNLAYTGLGLQAHTDNPYRDPVPSLQILYCLENSAEGGDSIVVDGFRAA
ERLRDEDPEGFALLAGNPARFEYKGSDGVHLRARRPMIELSPDGEMIAIRFNNRSSAPFVDIPFEKMEAYYAAYRRLGEF
IDDPEMGVSFKLEPGESFIVDNTRVLHARLGYSGSGSRWLQGCYADKDGLFSTLNVLNAQLGG
;
_entity_poly.pdbx_strand_id   A,B
#
# COMPACT_ATOMS: atom_id res chain seq x y z
N HIS A 5 23.27 -21.47 21.59
CA HIS A 5 22.24 -21.28 20.53
C HIS A 5 21.46 -19.97 20.76
N HIS A 6 20.72 -19.88 21.86
CA HIS A 6 20.17 -18.62 22.36
C HIS A 6 20.46 -18.43 23.87
N MET A 7 21.44 -19.16 24.39
CA MET A 7 21.81 -19.09 25.80
C MET A 7 23.02 -18.15 25.87
N PRO A 8 22.87 -17.01 26.57
CA PRO A 8 24.02 -16.10 26.68
C PRO A 8 25.13 -16.68 27.55
N ARG A 9 26.38 -16.58 27.07
CA ARG A 9 27.56 -17.05 27.79
C ARG A 9 28.22 -15.88 28.53
N SER A 10 28.51 -14.82 27.78
CA SER A 10 29.19 -13.65 28.32
C SER A 10 28.80 -12.38 27.56
N VAL A 11 29.14 -11.22 28.16
CA VAL A 11 28.85 -9.92 27.57
C VAL A 11 30.00 -8.95 27.81
N THR A 12 30.32 -8.15 26.79
CA THR A 12 31.23 -7.02 26.93
C THR A 12 30.48 -5.76 26.56
N ALA A 13 30.84 -4.64 27.20
CA ALA A 13 30.30 -3.33 26.89
C ALA A 13 31.38 -2.48 26.23
N ASP A 14 31.00 -1.68 25.25
CA ASP A 14 31.94 -0.77 24.59
C ASP A 14 32.36 0.36 25.55
N ALA A 15 33.54 0.94 25.30
CA ALA A 15 34.07 2.05 26.10
C ALA A 15 33.10 3.23 26.23
N SER A 16 32.42 3.57 25.13
CA SER A 16 31.42 4.62 25.12
C SER A 16 30.16 4.31 25.95
N GLY A 17 29.89 3.02 26.16
CA GLY A 17 28.61 2.56 26.69
C GLY A 17 27.51 2.62 25.65
N SER A 18 27.87 2.81 24.38
CA SER A 18 26.87 2.99 23.32
C SER A 18 26.32 1.65 22.84
N PHE A 19 27.05 0.56 23.06
CA PHE A 19 26.57 -0.78 22.74
C PHE A 19 27.25 -1.85 23.59
N LEU A 20 26.66 -3.04 23.57
CA LEU A 20 27.25 -4.22 24.18
C LEU A 20 27.30 -5.34 23.16
N THR A 21 28.23 -6.27 23.35
CA THR A 21 28.38 -7.44 22.48
C THR A 21 28.04 -8.69 23.30
N LEU A 22 27.00 -9.39 22.88
CA LEU A 22 26.56 -10.59 23.56
C LEU A 22 27.14 -11.81 22.86
N THR A 23 27.80 -12.69 23.61
CA THR A 23 28.28 -13.96 23.09
C THR A 23 27.38 -15.07 23.64
N PHE A 24 26.86 -15.90 22.75
CA PHE A 24 26.00 -17.03 23.12
C PHE A 24 26.83 -18.31 23.29
N GLU A 25 26.22 -19.33 23.87
CA GLU A 25 26.92 -20.59 24.21
C GLU A 25 27.45 -21.39 23.00
N ASP A 26 26.90 -21.13 21.80
CA ASP A 26 27.40 -21.74 20.56
C ASP A 26 28.57 -20.96 19.91
N GLY A 27 29.01 -19.87 20.54
CA GLY A 27 30.11 -19.05 20.03
C GLY A 27 29.71 -17.87 19.16
N SER A 28 28.44 -17.82 18.74
CA SER A 28 27.95 -16.70 17.93
C SER A 28 27.84 -15.44 18.78
N GLU A 29 28.08 -14.30 18.13
CA GLU A 29 28.07 -13.00 18.78
C GLU A 29 26.99 -12.12 18.16
N SER A 30 26.40 -11.24 18.97
CA SER A 30 25.44 -10.25 18.48
C SER A 30 25.57 -8.97 19.29
N ARG A 31 25.74 -7.85 18.60
CA ARG A 31 25.87 -6.53 19.22
C ARG A 31 24.51 -5.82 19.32
N PHE A 32 24.28 -5.11 20.44
CA PHE A 32 23.04 -4.37 20.68
C PHE A 32 23.35 -2.98 21.22
N HIS A 33 22.78 -1.95 20.60
CA HIS A 33 22.98 -0.57 21.05
C HIS A 33 22.17 -0.27 22.30
N ALA A 34 22.73 0.61 23.13
CA ALA A 34 22.07 1.08 24.33
C ALA A 34 20.68 1.65 24.02
N ILE A 35 20.63 2.50 23.00
CA ILE A 35 19.37 3.17 22.64
C ILE A 35 18.30 2.16 22.19
N TRP A 36 18.70 1.18 21.40
CA TRP A 36 17.77 0.14 20.91
C TRP A 36 17.27 -0.71 22.06
N LEU A 37 18.16 -1.13 22.95
CA LEU A 37 17.77 -1.92 24.12
C LEU A 37 16.81 -1.15 25.03
N ARG A 38 17.11 0.12 25.28
CA ARG A 38 16.25 0.96 26.12
C ARG A 38 14.85 1.14 25.52
N ASP A 39 14.82 1.40 24.22
CA ASP A 39 13.55 1.57 23.52
C ASP A 39 12.72 0.28 23.48
N ASN A 40 13.39 -0.87 23.54
CA ASN A 40 12.73 -2.18 23.51
C ASN A 40 12.58 -2.87 24.86
N ALA A 41 12.81 -2.14 25.96
CA ALA A 41 12.63 -2.70 27.30
C ALA A 41 11.24 -3.32 27.45
N LEU A 42 11.17 -4.49 28.09
CA LEU A 42 9.93 -5.27 28.17
C LEU A 42 9.17 -5.13 29.49
N ASP A 43 9.70 -4.30 30.38
CA ASP A 43 9.14 -4.12 31.72
C ASP A 43 7.80 -3.35 31.71
N PRO A 44 6.99 -3.48 32.79
CA PRO A 44 5.69 -2.80 32.86
C PRO A 44 5.64 -1.26 32.71
N GLU A 45 6.78 -0.57 32.85
CA GLU A 45 6.82 0.89 32.61
C GLU A 45 7.18 1.27 31.17
N THR A 46 7.63 0.31 30.38
CA THR A 46 7.88 0.52 28.95
C THR A 46 6.85 -0.16 28.05
N ARG A 47 6.37 -1.34 28.46
CA ARG A 47 5.42 -2.14 27.67
C ARG A 47 4.25 -2.58 28.55
N SER A 48 3.03 -2.39 28.05
CA SER A 48 1.84 -2.80 28.80
C SER A 48 1.80 -4.33 28.99
N PRO A 49 1.62 -4.81 30.24
CA PRO A 49 1.44 -6.27 30.40
C PRO A 49 0.16 -6.82 29.75
N GLY A 50 -0.88 -6.01 29.63
CA GLY A 50 -2.17 -6.44 29.09
C GLY A 50 -2.20 -6.66 27.58
N ASN A 51 -1.64 -5.72 26.81
CA ASN A 51 -1.63 -5.80 25.34
C ASN A 51 -0.25 -5.68 24.66
N GLY A 52 0.82 -5.54 25.43
CA GLY A 52 2.17 -5.41 24.86
C GLY A 52 2.49 -4.10 24.14
N GLN A 53 1.62 -3.10 24.23
CA GLN A 53 1.84 -1.83 23.54
C GLN A 53 2.86 -0.98 24.30
N ARG A 54 3.56 -0.15 23.55
CA ARG A 54 4.65 0.66 24.06
C ARG A 54 4.07 1.88 24.78
N LEU A 55 4.57 2.14 25.99
CA LEU A 55 4.02 3.17 26.87
C LEU A 55 4.83 4.47 26.86
N ILE A 56 5.93 4.48 26.12
CA ILE A 56 6.82 5.64 26.01
C ILE A 56 6.84 6.13 24.56
N THR A 57 7.27 7.38 24.38
CA THR A 57 7.62 7.91 23.07
C THR A 57 9.13 7.90 22.96
N ILE A 58 9.62 8.04 21.73
CA ILE A 58 11.06 8.15 21.49
C ILE A 58 11.68 9.34 22.27
N GLY A 59 10.93 10.43 22.38
CA GLY A 59 11.36 11.61 23.13
C GLY A 59 11.48 11.43 24.64
N ASP A 60 10.77 10.45 25.20
CA ASP A 60 10.85 10.14 26.63
C ASP A 60 12.17 9.49 27.07
N ILE A 61 12.90 8.89 26.13
CA ILE A 61 14.19 8.28 26.45
C ILE A 61 15.23 9.41 26.53
N PRO A 62 16.03 9.44 27.60
CA PRO A 62 17.02 10.52 27.70
C PRO A 62 18.00 10.55 26.53
N ALA A 63 18.37 11.76 26.13
CA ALA A 63 19.32 11.99 25.03
C ALA A 63 20.66 11.28 25.25
N ASP A 64 21.08 11.19 26.50
CA ASP A 64 22.40 10.66 26.87
C ASP A 64 22.45 9.13 27.10
N THR A 65 21.45 8.37 26.64
CA THR A 65 21.27 6.97 27.07
C THR A 65 22.43 6.05 26.70
N ARG A 66 23.00 5.38 27.71
CA ARG A 66 24.10 4.44 27.51
C ARG A 66 24.04 3.31 28.55
N ILE A 67 24.85 2.29 28.33
CA ILE A 67 24.90 1.12 29.20
C ILE A 67 25.88 1.42 30.34
N SER A 68 25.38 1.46 31.58
CA SER A 68 26.25 1.66 32.76
C SER A 68 26.79 0.32 33.26
N THR A 69 25.94 -0.71 33.26
CA THR A 69 26.40 -2.06 33.57
C THR A 69 25.54 -3.10 32.85
N ALA A 70 26.14 -4.26 32.62
CA ALA A 70 25.49 -5.37 31.90
C ALA A 70 26.04 -6.69 32.40
N LEU A 71 25.15 -7.64 32.69
CA LEU A 71 25.57 -8.97 33.14
C LEU A 71 24.68 -10.05 32.56
N VAL A 72 25.27 -11.24 32.41
CA VAL A 72 24.56 -12.44 31.96
C VAL A 72 24.22 -13.26 33.20
N ASP A 73 22.96 -13.69 33.32
CA ASP A 73 22.52 -14.54 34.43
C ASP A 73 21.18 -15.22 34.13
N ASP A 74 21.06 -16.49 34.52
CA ASP A 74 19.84 -17.30 34.31
C ASP A 74 19.35 -17.30 32.85
N GLY A 75 20.28 -17.45 31.92
CA GLY A 75 19.98 -17.44 30.48
C GLY A 75 19.40 -16.12 29.96
N ALA A 76 19.73 -15.02 30.64
CA ALA A 76 19.18 -13.70 30.31
C ALA A 76 20.24 -12.61 30.50
N LEU A 77 20.00 -11.47 29.87
CA LEU A 77 20.88 -10.30 29.96
C LEU A 77 20.19 -9.27 30.82
N THR A 78 20.87 -8.82 31.87
CA THR A 78 20.39 -7.72 32.69
C THR A 78 21.24 -6.49 32.39
N VAL A 79 20.58 -5.38 32.04
CA VAL A 79 21.26 -4.16 31.63
C VAL A 79 20.73 -3.01 32.47
N THR A 80 21.62 -2.12 32.89
CA THR A 80 21.23 -0.87 33.53
C THR A 80 21.60 0.30 32.63
N PHE A 81 20.66 1.23 32.47
CA PHE A 81 20.84 2.39 31.61
C PHE A 81 21.12 3.64 32.43
N ALA A 82 22.14 4.39 32.04
CA ALA A 82 22.34 5.76 32.54
C ALA A 82 21.86 6.69 31.42
N PRO A 83 21.27 7.85 31.75
CA PRO A 83 21.23 8.43 33.10
C PRO A 83 20.00 8.07 33.93
N GLU A 84 19.08 7.26 33.40
CA GLU A 84 17.87 6.90 34.14
C GLU A 84 18.13 6.10 35.40
N GLY A 85 19.18 5.29 35.40
CA GLY A 85 19.37 4.28 36.44
C GLY A 85 18.28 3.23 36.38
N LYS A 86 17.87 2.86 35.17
CA LYS A 86 16.81 1.88 34.96
C LYS A 86 17.44 0.55 34.61
N THR A 87 17.08 -0.48 35.37
CA THR A 87 17.56 -1.84 35.14
C THR A 87 16.44 -2.68 34.55
N VAL A 88 16.76 -3.39 33.46
CA VAL A 88 15.81 -4.31 32.82
C VAL A 88 16.51 -5.60 32.44
N THR A 89 15.70 -6.63 32.20
CA THR A 89 16.20 -7.95 31.83
C THR A 89 15.58 -8.40 30.51
N PHE A 90 16.44 -8.93 29.63
CA PHE A 90 16.02 -9.47 28.34
C PHE A 90 16.31 -10.97 28.32
N PRO A 91 15.27 -11.80 28.07
CA PRO A 91 15.53 -13.24 27.88
C PRO A 91 16.44 -13.52 26.68
N GLY A 92 17.29 -14.54 26.81
CA GLY A 92 18.20 -14.95 25.74
C GLY A 92 17.49 -15.22 24.42
N LYS A 93 16.37 -15.95 24.47
CA LYS A 93 15.61 -16.27 23.25
C LYS A 93 15.04 -15.02 22.58
N TRP A 94 14.58 -14.06 23.39
CA TRP A 94 14.09 -12.77 22.85
C TRP A 94 15.21 -12.04 22.10
N LEU A 95 16.40 -12.00 22.69
CA LEU A 95 17.56 -11.34 22.05
C LEU A 95 17.97 -11.99 20.73
N LYS A 96 17.98 -13.32 20.69
CA LYS A 96 18.31 -14.03 19.45
C LYS A 96 17.26 -13.78 18.37
N SER A 97 15.98 -13.86 18.73
CA SER A 97 14.87 -13.65 17.80
C SER A 97 14.78 -12.22 17.27
N ASN A 98 15.15 -11.23 18.10
CA ASN A 98 15.02 -9.82 17.74
C ASN A 98 16.35 -9.13 17.40
N ALA A 99 17.40 -9.92 17.16
CA ALA A 99 18.71 -9.38 16.80
C ALA A 99 18.65 -8.62 15.48
N TYR A 100 19.40 -7.53 15.40
CA TYR A 100 19.59 -6.80 14.15
C TYR A 100 21.03 -6.82 13.63
N ASP A 101 21.98 -7.25 14.47
CA ASP A 101 23.36 -7.44 14.06
C ASP A 101 23.47 -8.86 13.46
N THR A 102 22.82 -9.04 12.31
CA THR A 102 22.65 -10.37 11.70
C THR A 102 23.19 -10.43 10.27
N ASP A 103 23.98 -9.43 9.87
CA ASP A 103 24.50 -9.33 8.50
C ASP A 103 23.36 -9.48 7.48
N GLN A 104 22.43 -8.53 7.52
CA GLN A 104 21.22 -8.58 6.68
C GLN A 104 21.63 -8.55 5.21
N SER A 105 20.96 -9.37 4.40
CA SER A 105 21.21 -9.39 2.97
C SER A 105 20.83 -8.04 2.36
N SER A 106 21.67 -7.58 1.43
CA SER A 106 21.37 -6.40 0.62
C SER A 106 21.13 -6.83 -0.84
N GLU A 107 20.77 -8.08 -1.06
CA GLU A 107 20.49 -8.58 -2.42
C GLU A 107 19.21 -7.89 -2.87
N VAL A 108 19.33 -7.09 -3.92
CA VAL A 108 18.19 -6.34 -4.46
C VAL A 108 17.27 -7.33 -5.13
N GLY A 109 15.98 -7.25 -4.80
CA GLY A 109 14.98 -8.17 -5.36
C GLY A 109 14.87 -9.52 -4.70
N ARG A 110 15.55 -9.72 -3.57
CA ARG A 110 15.36 -10.93 -2.77
C ARG A 110 13.92 -10.97 -2.27
N THR A 111 13.40 -12.16 -2.05
CA THR A 111 12.08 -12.33 -1.45
C THR A 111 12.23 -12.44 0.07
N SER A 112 11.13 -12.17 0.76
CA SER A 112 11.02 -12.42 2.20
C SER A 112 11.37 -13.87 2.53
N PRO A 113 11.97 -14.13 3.71
CA PRO A 113 12.18 -15.51 4.14
C PRO A 113 10.89 -16.32 4.22
N ASP A 114 9.78 -15.63 4.47
CA ASP A 114 8.48 -16.26 4.67
C ASP A 114 7.77 -16.73 3.40
N VAL A 115 8.30 -16.41 2.20
CA VAL A 115 7.67 -16.85 0.96
C VAL A 115 8.56 -17.82 0.18
N GLU A 116 7.91 -18.65 -0.63
CA GLU A 116 8.56 -19.64 -1.45
C GLU A 116 7.99 -19.53 -2.85
N THR A 117 8.85 -19.31 -3.85
CA THR A 117 8.39 -19.08 -5.22
C THR A 117 8.22 -20.39 -5.97
N TRP A 118 7.49 -20.33 -7.09
CA TRP A 118 7.12 -21.54 -7.83
C TRP A 118 6.86 -21.26 -9.31
N ASP A 119 6.81 -22.34 -10.09
CA ASP A 119 6.45 -22.33 -11.51
C ASP A 119 5.48 -23.48 -11.83
N SER A 120 5.36 -23.88 -13.09
CA SER A 120 4.43 -24.96 -13.47
C SER A 120 4.80 -26.37 -12.96
N SER A 121 6.03 -26.55 -12.44
CA SER A 121 6.46 -27.87 -11.96
C SER A 121 5.77 -28.36 -10.66
N GLN A 122 5.15 -27.47 -9.89
CA GLN A 122 4.42 -27.85 -8.68
C GLN A 122 2.93 -27.85 -8.99
N PRO A 123 2.23 -28.99 -8.80
CA PRO A 123 0.75 -28.95 -8.86
C PRO A 123 0.16 -27.93 -7.87
N ALA A 124 -1.00 -27.38 -8.21
CA ALA A 124 -1.70 -26.44 -7.35
C ALA A 124 -2.00 -27.06 -5.99
N PRO A 125 -1.64 -26.36 -4.87
CA PRO A 125 -2.11 -26.87 -3.58
C PRO A 125 -3.63 -26.73 -3.47
N ALA A 126 -4.28 -27.75 -2.93
CA ALA A 126 -5.74 -27.77 -2.76
C ALA A 126 -6.10 -28.16 -1.34
N PHE A 127 -7.12 -27.49 -0.80
CA PHE A 127 -7.66 -27.77 0.53
C PHE A 127 -9.17 -27.96 0.41
N ASP A 128 -9.75 -28.59 1.42
CA ASP A 128 -11.17 -28.98 1.40
C ASP A 128 -12.02 -27.97 2.17
N TRP A 129 -13.09 -27.50 1.52
CA TRP A 129 -14.04 -26.53 2.11
C TRP A 129 -14.49 -26.92 3.52
N ASN A 130 -15.05 -28.12 3.66
CA ASN A 130 -15.58 -28.58 4.95
C ASN A 130 -14.50 -28.74 6.02
N GLU A 131 -13.31 -29.19 5.63
CA GLU A 131 -12.19 -29.32 6.57
C GLU A 131 -11.74 -27.96 7.13
N VAL A 132 -11.52 -26.98 6.25
CA VAL A 132 -11.06 -25.66 6.73
C VAL A 132 -12.14 -24.94 7.55
N GLN A 133 -13.40 -25.21 7.28
CA GLN A 133 -14.50 -24.61 8.01
C GLN A 133 -14.60 -25.11 9.46
N SER A 134 -14.41 -26.41 9.67
CA SER A 134 -14.57 -27.02 11.00
C SER A 134 -13.24 -27.25 11.74
N ASP A 135 -12.27 -27.86 11.07
CA ASP A 135 -10.97 -28.18 11.68
C ASP A 135 -10.04 -26.95 11.64
N PRO A 136 -9.69 -26.38 12.82
CA PRO A 136 -8.77 -25.23 12.83
C PRO A 136 -7.34 -25.55 12.38
N LYS A 137 -6.93 -26.82 12.50
CA LYS A 137 -5.64 -27.27 12.01
C LYS A 137 -5.60 -27.19 10.47
N ALA A 138 -6.68 -27.65 9.84
CA ALA A 138 -6.83 -27.57 8.37
C ALA A 138 -6.94 -26.10 7.90
N LYS A 139 -7.66 -25.27 8.65
CA LYS A 139 -7.72 -23.84 8.34
C LYS A 139 -6.34 -23.21 8.40
N ARG A 140 -5.62 -23.48 9.48
CA ARG A 140 -4.27 -22.97 9.65
C ARG A 140 -3.37 -23.36 8.49
N ASP A 141 -3.43 -24.64 8.08
CA ASP A 141 -2.60 -25.14 6.98
C ASP A 141 -2.92 -24.43 5.66
N TRP A 142 -4.21 -24.26 5.38
CA TRP A 142 -4.72 -23.54 4.21
C TRP A 142 -4.23 -22.09 4.16
N LEU A 143 -4.42 -21.37 5.27
CA LEU A 143 -4.01 -19.96 5.35
C LEU A 143 -2.48 -19.80 5.28
N ASP A 144 -1.76 -20.73 5.90
CA ASP A 144 -0.30 -20.72 5.83
C ASP A 144 0.19 -20.96 4.39
N ALA A 145 -0.51 -21.82 3.65
CA ALA A 145 -0.20 -22.03 2.22
C ALA A 145 -0.37 -20.74 1.42
N ILE A 146 -1.46 -20.01 1.66
CA ILE A 146 -1.70 -18.73 1.00
C ILE A 146 -0.60 -17.72 1.39
N ALA A 147 -0.22 -17.70 2.67
CA ALA A 147 0.83 -16.80 3.15
C ALA A 147 2.20 -17.05 2.51
N ARG A 148 2.57 -18.31 2.40
CA ARG A 148 3.89 -18.70 1.89
C ARG A 148 3.95 -18.76 0.36
N LEU A 149 2.93 -19.33 -0.26
CA LEU A 149 2.90 -19.56 -1.70
C LEU A 149 2.11 -18.52 -2.49
N GLY A 150 1.31 -17.71 -1.80
CA GLY A 150 0.47 -16.69 -2.46
C GLY A 150 -0.71 -17.22 -3.23
N PHE A 151 -1.03 -18.51 -3.05
CA PHE A 151 -2.04 -19.17 -3.86
C PHE A 151 -2.46 -20.52 -3.26
N ALA A 152 -3.76 -20.77 -3.24
CA ALA A 152 -4.30 -22.06 -2.87
C ALA A 152 -5.70 -22.25 -3.45
N LYS A 153 -6.00 -23.48 -3.84
CA LYS A 153 -7.35 -23.88 -4.24
C LYS A 153 -8.13 -24.36 -3.03
N LEU A 154 -9.42 -24.07 -3.03
CA LEU A 154 -10.36 -24.59 -2.03
C LEU A 154 -11.45 -25.34 -2.80
N VAL A 155 -11.54 -26.65 -2.58
CA VAL A 155 -12.43 -27.50 -3.39
C VAL A 155 -13.51 -28.15 -2.53
N ASN A 156 -14.46 -28.80 -3.20
CA ASN A 156 -15.63 -29.43 -2.57
C ASN A 156 -16.47 -28.42 -1.78
N GLY A 157 -16.62 -27.23 -2.34
CA GLY A 157 -17.40 -26.16 -1.71
C GLY A 157 -18.83 -26.16 -2.22
N PRO A 158 -19.70 -25.34 -1.62
CA PRO A 158 -21.10 -25.30 -2.06
C PRO A 158 -21.30 -24.57 -3.40
N VAL A 159 -22.21 -25.08 -4.22
CA VAL A 159 -22.59 -24.39 -5.46
C VAL A 159 -23.71 -23.43 -5.07
N ARG A 160 -23.32 -22.29 -4.51
CA ARG A 160 -24.27 -21.30 -4.00
C ARG A 160 -23.76 -19.88 -4.28
N GLU A 161 -24.65 -19.01 -4.74
CA GLU A 161 -24.34 -17.59 -4.92
C GLU A 161 -23.91 -16.97 -3.61
N GLY A 162 -22.85 -16.17 -3.66
CA GLY A 162 -22.32 -15.49 -2.49
C GLY A 162 -21.47 -16.32 -1.55
N ALA A 163 -21.22 -17.58 -1.89
CA ALA A 163 -20.43 -18.47 -1.04
C ALA A 163 -19.00 -17.95 -0.80
N LEU A 164 -18.45 -17.23 -1.77
CA LEU A 164 -17.13 -16.59 -1.61
C LEU A 164 -17.05 -15.63 -0.43
N ILE A 165 -18.16 -15.02 -0.05
CA ILE A 165 -18.21 -14.09 1.09
C ILE A 165 -18.03 -14.87 2.38
N GLU A 166 -18.66 -16.04 2.47
CA GLU A 166 -18.44 -16.95 3.59
C GLU A 166 -16.97 -17.37 3.69
N CYS A 167 -16.37 -17.67 2.53
CA CYS A 167 -14.93 -17.97 2.46
C CYS A 167 -14.09 -16.82 3.02
N ALA A 168 -14.34 -15.60 2.54
CA ALA A 168 -13.62 -14.41 3.04
C ALA A 168 -13.74 -14.30 4.56
N SER A 169 -14.94 -14.53 5.08
CA SER A 169 -15.20 -14.45 6.53
C SER A 169 -14.47 -15.48 7.39
N MET A 170 -13.99 -16.58 6.79
CA MET A 170 -13.17 -17.55 7.53
C MET A 170 -11.84 -16.98 8.03
N PHE A 171 -11.33 -15.93 7.38
CA PHE A 171 -10.04 -15.34 7.78
C PHE A 171 -9.96 -13.82 7.90
N GLY A 172 -10.89 -13.08 7.28
CA GLY A 172 -10.74 -11.64 7.19
C GLY A 172 -11.99 -10.93 6.74
N PHE A 173 -11.80 -9.85 5.97
CA PHE A 173 -12.87 -8.91 5.68
C PHE A 173 -12.77 -8.45 4.24
N VAL A 174 -13.95 -8.27 3.63
CA VAL A 174 -14.06 -7.96 2.22
C VAL A 174 -13.72 -6.50 2.00
N ARG A 175 -12.86 -6.23 1.02
CA ARG A 175 -12.66 -4.89 0.51
C ARG A 175 -13.74 -4.65 -0.56
N GLU A 176 -14.78 -3.92 -0.18
CA GLU A 176 -15.83 -3.53 -1.12
C GLU A 176 -15.30 -2.42 -2.01
N THR A 177 -15.59 -2.49 -3.31
CA THR A 177 -15.15 -1.47 -4.27
C THR A 177 -16.31 -1.06 -5.18
N ASN A 178 -16.01 -0.15 -6.10
CA ASN A 178 -16.90 0.18 -7.23
C ASN A 178 -17.51 -1.05 -7.92
N TYR A 179 -16.76 -2.16 -7.97
CA TYR A 179 -17.22 -3.40 -8.59
C TYR A 179 -18.25 -4.19 -7.77
N GLY A 180 -18.44 -3.79 -6.50
CA GLY A 180 -19.44 -4.40 -5.63
C GLY A 180 -18.79 -4.99 -4.40
N LYS A 181 -19.61 -5.54 -3.52
CA LYS A 181 -19.12 -6.35 -2.42
C LYS A 181 -18.44 -7.58 -3.03
N TYR A 182 -19.16 -8.23 -3.94
CA TYR A 182 -18.54 -9.17 -4.87
C TYR A 182 -19.02 -8.83 -6.28
N PHE A 183 -18.34 -9.39 -7.28
CA PHE A 183 -18.67 -9.15 -8.69
C PHE A 183 -18.91 -10.46 -9.44
N GLU A 184 -19.71 -10.35 -10.50
CA GLU A 184 -20.11 -11.51 -11.31
C GLU A 184 -19.21 -11.57 -12.53
N VAL A 185 -18.35 -12.58 -12.58
CA VAL A 185 -17.45 -12.78 -13.71
C VAL A 185 -18.17 -13.65 -14.74
N ARG A 186 -18.77 -12.97 -15.71
CA ARG A 186 -19.56 -13.61 -16.76
C ARG A 186 -19.63 -12.63 -17.92
N THR A 187 -19.99 -13.12 -19.10
CA THR A 187 -20.13 -12.25 -20.26
C THR A 187 -21.28 -11.28 -20.03
N GLU A 188 -21.03 -10.00 -20.25
CA GLU A 188 -22.06 -8.96 -20.13
C GLU A 188 -22.15 -8.21 -21.44
N VAL A 189 -23.37 -7.79 -21.79
CA VAL A 189 -23.52 -6.85 -22.90
C VAL A 189 -23.05 -5.50 -22.40
N ASN A 190 -22.42 -4.72 -23.27
CA ASN A 190 -21.81 -3.44 -22.86
C ASN A 190 -20.87 -3.59 -21.65
N PRO A 191 -19.87 -4.49 -21.78
CA PRO A 191 -19.02 -4.81 -20.62
C PRO A 191 -18.24 -3.59 -20.10
N THR A 192 -18.17 -3.45 -18.78
CA THR A 192 -17.42 -2.37 -18.13
C THR A 192 -15.93 -2.70 -18.01
N ASN A 193 -15.59 -3.95 -18.32
CA ASN A 193 -14.26 -4.47 -18.16
C ASN A 193 -14.16 -5.73 -19.02
N LEU A 194 -13.01 -5.97 -19.61
CA LEU A 194 -12.81 -7.17 -20.46
C LEU A 194 -12.92 -8.52 -19.73
N ALA A 195 -12.82 -8.52 -18.39
CA ALA A 195 -13.14 -9.71 -17.60
C ALA A 195 -14.58 -10.17 -17.80
N TYR A 196 -15.46 -9.23 -18.14
CA TYR A 196 -16.88 -9.51 -18.37
C TYR A 196 -17.20 -9.78 -19.86
N THR A 197 -16.33 -10.56 -20.49
CA THR A 197 -16.48 -10.99 -21.88
C THR A 197 -16.01 -12.44 -21.96
N GLY A 198 -16.10 -13.01 -23.16
CA GLY A 198 -15.55 -14.34 -23.43
C GLY A 198 -14.07 -14.38 -23.81
N LEU A 199 -13.40 -13.23 -23.81
CA LEU A 199 -12.01 -13.13 -24.27
C LEU A 199 -11.04 -13.80 -23.30
N GLY A 200 -9.94 -14.31 -23.85
CA GLY A 200 -8.80 -14.71 -23.03
C GLY A 200 -8.17 -13.46 -22.43
N LEU A 201 -7.68 -13.56 -21.21
CA LEU A 201 -6.98 -12.47 -20.54
C LEU A 201 -5.56 -12.90 -20.23
N GLN A 202 -4.59 -12.04 -20.53
CA GLN A 202 -3.22 -12.24 -20.10
C GLN A 202 -3.17 -12.28 -18.58
N ALA A 203 -2.23 -13.05 -18.02
CA ALA A 203 -2.01 -13.04 -16.58
C ALA A 203 -1.85 -11.59 -16.09
N HIS A 204 -2.51 -11.29 -14.98
CA HIS A 204 -2.49 -9.95 -14.41
C HIS A 204 -2.74 -9.98 -12.93
N THR A 205 -2.36 -8.91 -12.26
CA THR A 205 -2.86 -8.62 -10.92
C THR A 205 -4.07 -7.72 -11.10
N ASP A 206 -5.06 -7.88 -10.23
CA ASP A 206 -6.25 -7.03 -10.30
C ASP A 206 -6.01 -5.63 -9.77
N ASN A 207 -6.62 -4.67 -10.45
CA ASN A 207 -6.75 -3.31 -9.97
C ASN A 207 -5.42 -2.60 -9.62
N PRO A 208 -4.41 -2.64 -10.52
CA PRO A 208 -3.20 -1.87 -10.24
C PRO A 208 -3.44 -0.36 -10.24
N TYR A 209 -4.56 0.03 -10.85
CA TYR A 209 -5.12 1.40 -10.78
C TYR A 209 -5.70 1.82 -9.44
N ARG A 210 -5.81 0.88 -8.50
CA ARG A 210 -6.29 1.15 -7.16
C ARG A 210 -5.11 1.19 -6.18
N ASP A 211 -5.04 2.26 -5.40
CA ASP A 211 -4.01 2.44 -4.39
C ASP A 211 -4.74 2.87 -3.12
N PRO A 212 -4.87 2.01 -2.10
CA PRO A 212 -4.20 0.70 -2.00
C PRO A 212 -4.76 -0.42 -2.88
N VAL A 213 -3.86 -1.18 -3.49
CA VAL A 213 -4.24 -2.35 -4.28
C VAL A 213 -4.95 -3.37 -3.38
N PRO A 214 -6.02 -4.03 -3.90
CA PRO A 214 -6.59 -5.13 -3.10
C PRO A 214 -5.52 -6.19 -2.87
N SER A 215 -5.33 -6.63 -1.63
CA SER A 215 -4.18 -7.51 -1.32
C SER A 215 -4.50 -9.00 -1.48
N LEU A 216 -5.77 -9.39 -1.41
CA LEU A 216 -6.20 -10.76 -1.72
C LEU A 216 -7.38 -10.75 -2.68
N GLN A 217 -7.45 -11.78 -3.52
CA GLN A 217 -8.63 -11.98 -4.38
C GLN A 217 -9.11 -13.41 -4.28
N ILE A 218 -10.43 -13.56 -4.19
CA ILE A 218 -11.12 -14.85 -4.23
C ILE A 218 -11.85 -14.96 -5.56
N LEU A 219 -11.70 -16.08 -6.25
CA LEU A 219 -12.46 -16.39 -7.46
C LEU A 219 -13.13 -17.75 -7.25
N TYR A 220 -14.45 -17.78 -7.45
CA TYR A 220 -15.31 -18.88 -7.02
C TYR A 220 -16.20 -19.31 -8.18
N CYS A 221 -16.15 -20.59 -8.53
CA CYS A 221 -16.86 -21.10 -9.70
C CYS A 221 -18.27 -21.57 -9.35
N LEU A 222 -19.27 -21.05 -10.07
CA LEU A 222 -20.64 -21.58 -10.04
C LEU A 222 -20.93 -22.44 -11.27
N GLU A 223 -20.54 -21.96 -12.45
CA GLU A 223 -20.67 -22.72 -13.71
C GLU A 223 -19.40 -22.57 -14.54
N ASN A 224 -18.99 -23.65 -15.22
CA ASN A 224 -17.81 -23.63 -16.10
C ASN A 224 -17.96 -24.71 -17.17
N SER A 225 -19.08 -24.67 -17.88
CA SER A 225 -19.46 -25.73 -18.84
C SER A 225 -19.19 -25.39 -20.30
N ALA A 226 -18.64 -24.20 -20.57
CA ALA A 226 -18.26 -23.83 -21.93
C ALA A 226 -16.88 -24.40 -22.25
N GLU A 227 -16.59 -24.52 -23.54
CA GLU A 227 -15.27 -24.93 -24.00
C GLU A 227 -14.29 -23.80 -23.70
N GLY A 228 -13.22 -24.11 -22.97
CA GLY A 228 -12.27 -23.10 -22.51
C GLY A 228 -12.62 -22.60 -21.11
N GLY A 229 -12.13 -21.42 -20.76
CA GLY A 229 -12.35 -20.86 -19.43
C GLY A 229 -11.44 -21.40 -18.33
N ASP A 230 -10.35 -22.08 -18.72
CA ASP A 230 -9.37 -22.59 -17.76
C ASP A 230 -8.72 -21.42 -17.04
N SER A 231 -8.42 -21.61 -15.75
CA SER A 231 -7.69 -20.63 -14.94
C SER A 231 -6.20 -20.93 -15.00
N ILE A 232 -5.40 -19.87 -15.02
CA ILE A 232 -3.94 -19.99 -14.88
C ILE A 232 -3.47 -19.00 -13.84
N VAL A 233 -2.54 -19.43 -12.99
CA VAL A 233 -1.88 -18.54 -12.06
C VAL A 233 -0.38 -18.56 -12.32
N VAL A 234 0.23 -17.40 -12.12
CA VAL A 234 1.67 -17.19 -12.33
C VAL A 234 2.22 -16.46 -11.13
N ASP A 235 3.35 -16.93 -10.60
CA ASP A 235 3.99 -16.30 -9.47
C ASP A 235 4.80 -15.11 -9.97
N GLY A 236 4.29 -13.90 -9.71
CA GLY A 236 4.97 -12.68 -10.12
C GLY A 236 6.35 -12.52 -9.51
N PHE A 237 6.54 -13.02 -8.29
CA PHE A 237 7.87 -13.04 -7.66
C PHE A 237 8.85 -13.95 -8.42
N ARG A 238 8.39 -15.11 -8.89
CA ARG A 238 9.26 -15.99 -9.69
C ARG A 238 9.63 -15.32 -11.01
N ALA A 239 8.66 -14.68 -11.67
CA ALA A 239 8.95 -13.94 -12.91
C ALA A 239 9.94 -12.80 -12.66
N ALA A 240 9.74 -12.08 -11.57
CA ALA A 240 10.64 -11.00 -11.18
C ALA A 240 12.06 -11.49 -10.87
N GLU A 241 12.15 -12.63 -10.16
CA GLU A 241 13.44 -13.28 -9.87
C GLU A 241 14.19 -13.64 -11.14
N ARG A 242 13.48 -14.21 -12.11
CA ARG A 242 14.09 -14.57 -13.39
C ARG A 242 14.65 -13.34 -14.10
N LEU A 243 13.89 -12.25 -14.13
CA LEU A 243 14.38 -11.01 -14.71
C LEU A 243 15.59 -10.46 -13.96
N ARG A 244 15.53 -10.46 -12.62
CA ARG A 244 16.64 -10.05 -11.74
C ARG A 244 17.94 -10.80 -12.08
N ASP A 245 17.83 -12.12 -12.18
CA ASP A 245 19.01 -12.99 -12.38
C ASP A 245 19.55 -12.87 -13.80
N GLU A 246 18.66 -12.75 -14.78
CA GLU A 246 19.05 -12.64 -16.18
C GLU A 246 19.56 -11.25 -16.53
N ASP A 247 18.86 -10.22 -16.05
CA ASP A 247 19.03 -8.85 -16.54
C ASP A 247 18.83 -7.86 -15.38
N PRO A 248 19.86 -7.70 -14.53
CA PRO A 248 19.73 -6.78 -13.39
C PRO A 248 19.43 -5.33 -13.76
N GLU A 249 19.93 -4.84 -14.89
CA GLU A 249 19.61 -3.50 -15.36
C GLU A 249 18.13 -3.34 -15.67
N GLY A 250 17.58 -4.32 -16.40
CA GLY A 250 16.15 -4.34 -16.74
C GLY A 250 15.28 -4.45 -15.50
N PHE A 251 15.67 -5.31 -14.58
CA PHE A 251 15.00 -5.40 -13.28
C PHE A 251 14.98 -4.04 -12.57
N ALA A 252 16.14 -3.38 -12.54
CA ALA A 252 16.28 -2.06 -11.90
C ALA A 252 15.39 -1.00 -12.55
N LEU A 253 15.22 -1.06 -13.86
CA LEU A 253 14.33 -0.13 -14.55
C LEU A 253 12.88 -0.30 -14.09
N LEU A 254 12.40 -1.54 -14.02
CA LEU A 254 11.01 -1.82 -13.61
C LEU A 254 10.76 -1.57 -12.12
N ALA A 255 11.80 -1.73 -11.30
CA ALA A 255 11.71 -1.44 -9.88
C ALA A 255 11.88 0.04 -9.55
N GLY A 256 12.66 0.75 -10.37
CA GLY A 256 13.10 2.12 -10.06
C GLY A 256 12.31 3.27 -10.67
N ASN A 257 11.33 2.95 -11.51
CA ASN A 257 10.50 3.95 -12.18
C ASN A 257 9.03 3.60 -11.98
N PRO A 258 8.19 4.57 -11.62
CA PRO A 258 6.78 4.23 -11.51
C PRO A 258 6.13 4.06 -12.89
N ALA A 259 5.18 3.15 -12.99
CA ALA A 259 4.24 3.07 -14.08
C ALA A 259 2.97 3.82 -13.68
N ARG A 260 2.05 3.96 -14.63
CA ARG A 260 0.74 4.56 -14.39
C ARG A 260 -0.31 3.54 -14.74
N PHE A 261 -1.41 3.54 -13.98
CA PHE A 261 -2.52 2.65 -14.25
C PHE A 261 -3.80 3.45 -14.14
N GLU A 262 -4.79 3.11 -14.97
CA GLU A 262 -6.03 3.87 -15.04
C GLU A 262 -7.20 2.98 -15.45
N TYR A 263 -8.31 3.11 -14.73
CA TYR A 263 -9.57 2.48 -15.11
C TYR A 263 -10.68 3.53 -15.14
N LYS A 264 -11.36 3.61 -16.28
CA LYS A 264 -12.51 4.51 -16.44
C LYS A 264 -13.57 3.79 -17.31
N GLY A 265 -13.96 2.61 -16.84
CA GLY A 265 -14.78 1.69 -17.62
C GLY A 265 -16.23 2.07 -17.80
N SER A 266 -16.70 3.02 -16.99
CA SER A 266 -18.02 3.60 -17.17
C SER A 266 -18.07 4.96 -16.50
N ASP A 267 -19.19 5.67 -16.65
CA ASP A 267 -19.41 6.90 -15.91
C ASP A 267 -19.46 6.57 -14.42
N GLY A 268 -19.11 7.53 -13.59
CA GLY A 268 -19.15 7.34 -12.15
C GLY A 268 -17.98 6.58 -11.54
N VAL A 269 -16.97 6.22 -12.34
CA VAL A 269 -15.73 5.65 -11.80
C VAL A 269 -14.52 6.14 -12.59
N HIS A 270 -13.48 6.57 -11.88
CA HIS A 270 -12.21 6.94 -12.50
C HIS A 270 -11.07 6.73 -11.51
N LEU A 271 -10.48 5.54 -11.58
CA LEU A 271 -9.43 5.10 -10.65
C LEU A 271 -8.06 5.23 -11.31
N ARG A 272 -7.12 5.86 -10.62
CA ARG A 272 -5.74 6.03 -11.11
C ARG A 272 -4.73 5.74 -10.02
N ALA A 273 -3.58 5.18 -10.42
CA ALA A 273 -2.47 4.98 -9.50
C ALA A 273 -1.14 5.14 -10.22
N ARG A 274 -0.12 5.51 -9.41
CA ARG A 274 1.24 5.73 -9.88
C ARG A 274 2.14 4.87 -9.00
N ARG A 275 2.54 3.72 -9.52
CA ARG A 275 3.30 2.71 -8.78
C ARG A 275 4.18 1.93 -9.75
N PRO A 276 5.33 1.44 -9.28
CA PRO A 276 6.17 0.62 -10.14
C PRO A 276 5.56 -0.76 -10.36
N MET A 277 5.93 -1.40 -11.46
CA MET A 277 5.49 -2.76 -11.75
C MET A 277 6.12 -3.76 -10.79
N ILE A 278 7.35 -3.45 -10.34
CA ILE A 278 8.02 -4.21 -9.29
C ILE A 278 8.26 -3.25 -8.13
N GLU A 279 7.59 -3.47 -6.99
CA GLU A 279 7.74 -2.63 -5.80
C GLU A 279 8.70 -3.31 -4.83
N LEU A 280 9.78 -2.60 -4.47
CA LEU A 280 10.74 -3.07 -3.49
C LEU A 280 10.61 -2.26 -2.20
N SER A 281 10.90 -2.90 -1.08
CA SER A 281 11.13 -2.18 0.17
C SER A 281 12.39 -1.34 0.01
N PRO A 282 12.57 -0.30 0.84
CA PRO A 282 13.77 0.52 0.69
C PRO A 282 15.11 -0.23 0.90
N ASP A 283 15.08 -1.34 1.63
CA ASP A 283 16.26 -2.21 1.79
C ASP A 283 16.38 -3.32 0.75
N GLY A 284 15.53 -3.29 -0.28
CA GLY A 284 15.67 -4.15 -1.46
C GLY A 284 14.83 -5.42 -1.51
N GLU A 285 14.08 -5.72 -0.47
CA GLU A 285 13.22 -6.90 -0.48
C GLU A 285 12.01 -6.66 -1.40
N MET A 286 11.65 -7.66 -2.20
CA MET A 286 10.46 -7.55 -3.07
C MET A 286 9.19 -7.48 -2.24
N ILE A 287 8.35 -6.49 -2.53
CA ILE A 287 7.08 -6.26 -1.82
C ILE A 287 5.87 -6.65 -2.67
N ALA A 288 5.85 -6.19 -3.93
CA ALA A 288 4.65 -6.34 -4.74
C ALA A 288 4.94 -6.30 -6.23
N ILE A 289 4.05 -6.94 -6.97
CA ILE A 289 4.03 -6.91 -8.44
C ILE A 289 2.70 -6.30 -8.88
N ARG A 290 2.76 -5.40 -9.86
CA ARG A 290 1.57 -4.81 -10.50
C ARG A 290 1.77 -4.96 -12.01
N PHE A 291 0.89 -5.71 -12.66
CA PHE A 291 1.04 -6.05 -14.07
C PHE A 291 -0.34 -6.30 -14.65
N ASN A 292 -0.72 -5.50 -15.64
CA ASN A 292 -2.07 -5.56 -16.20
C ASN A 292 -2.07 -4.80 -17.53
N ASN A 293 -2.06 -5.53 -18.64
CA ASN A 293 -2.01 -4.88 -19.94
C ASN A 293 -3.22 -3.98 -20.21
N ARG A 294 -4.38 -4.36 -19.66
CA ARG A 294 -5.64 -3.71 -20.00
C ARG A 294 -5.81 -2.32 -19.38
N SER A 295 -5.16 -2.09 -18.24
CA SER A 295 -5.31 -0.82 -17.52
C SER A 295 -3.98 -0.09 -17.26
N SER A 296 -2.90 -0.51 -17.91
CA SER A 296 -1.68 0.29 -17.93
C SER A 296 -1.97 1.58 -18.72
N ALA A 297 -1.61 2.71 -18.12
CA ALA A 297 -1.88 4.03 -18.68
C ALA A 297 -0.59 4.58 -19.28
N PRO A 298 -0.67 5.73 -19.99
CA PRO A 298 0.56 6.26 -20.59
C PRO A 298 1.66 6.49 -19.55
N PHE A 299 2.83 5.93 -19.80
CA PHE A 299 3.94 6.06 -18.87
C PHE A 299 4.58 7.43 -19.08
N VAL A 300 4.37 8.32 -18.11
CA VAL A 300 4.81 9.72 -18.19
C VAL A 300 5.95 10.08 -17.25
N ASP A 301 6.35 9.14 -16.38
CA ASP A 301 7.33 9.40 -15.33
C ASP A 301 8.73 8.88 -15.66
N ILE A 302 8.88 8.22 -16.80
CA ILE A 302 10.14 7.62 -17.20
C ILE A 302 10.86 8.59 -18.16
N PRO A 303 12.11 8.97 -17.84
CA PRO A 303 12.90 9.81 -18.75
C PRO A 303 12.99 9.28 -20.18
N PHE A 304 13.05 10.18 -21.15
CA PHE A 304 13.16 9.82 -22.55
C PHE A 304 14.31 8.86 -22.85
N GLU A 305 15.45 9.07 -22.19
CA GLU A 305 16.67 8.29 -22.45
C GLU A 305 16.59 6.86 -21.90
N LYS A 306 15.61 6.60 -21.03
CA LYS A 306 15.39 5.26 -20.45
C LYS A 306 14.15 4.53 -20.99
N MET A 307 13.30 5.21 -21.75
CA MET A 307 12.00 4.62 -22.16
C MET A 307 12.12 3.37 -23.03
N GLU A 308 13.05 3.36 -23.98
CA GLU A 308 13.26 2.17 -24.82
C GLU A 308 13.70 0.96 -24.00
N ALA A 309 14.68 1.17 -23.12
CA ALA A 309 15.15 0.11 -22.23
C ALA A 309 14.06 -0.32 -21.26
N TYR A 310 13.30 0.64 -20.76
CA TYR A 310 12.17 0.32 -19.87
C TYR A 310 11.18 -0.61 -20.58
N TYR A 311 10.82 -0.26 -21.81
CA TYR A 311 9.91 -1.11 -22.61
C TYR A 311 10.48 -2.48 -22.92
N ALA A 312 11.79 -2.57 -23.18
CA ALA A 312 12.46 -3.86 -23.38
C ALA A 312 12.33 -4.74 -22.12
N ALA A 313 12.52 -4.13 -20.96
CA ALA A 313 12.41 -4.83 -19.68
C ALA A 313 10.97 -5.28 -19.40
N TYR A 314 10.03 -4.37 -19.65
CA TYR A 314 8.60 -4.66 -19.57
C TYR A 314 8.21 -5.82 -20.50
N ARG A 315 8.71 -5.80 -21.72
CA ARG A 315 8.51 -6.90 -22.66
C ARG A 315 9.06 -8.23 -22.10
N ARG A 316 10.27 -8.19 -21.56
CA ARG A 316 10.93 -9.39 -21.05
C ARG A 316 10.17 -9.95 -19.85
N LEU A 317 9.72 -9.09 -18.95
CA LEU A 317 8.89 -9.52 -17.83
C LEU A 317 7.62 -10.21 -18.36
N GLY A 318 7.01 -9.61 -19.38
CA GLY A 318 5.84 -10.19 -20.05
C GLY A 318 6.09 -11.56 -20.64
N GLU A 319 7.28 -11.76 -21.21
CA GLU A 319 7.67 -13.07 -21.73
C GLU A 319 7.79 -14.11 -20.63
N PHE A 320 8.34 -13.74 -19.47
CA PHE A 320 8.38 -14.66 -18.33
C PHE A 320 6.98 -14.97 -17.84
N ILE A 321 6.11 -13.96 -17.80
CA ILE A 321 4.72 -14.14 -17.36
C ILE A 321 3.91 -15.03 -18.33
N ASP A 322 4.12 -14.85 -19.63
CA ASP A 322 3.43 -15.66 -20.66
C ASP A 322 4.01 -17.07 -20.87
N ASP A 323 5.19 -17.33 -20.30
CA ASP A 323 5.88 -18.62 -20.43
C ASP A 323 5.00 -19.78 -19.91
N PRO A 324 4.64 -20.75 -20.78
CA PRO A 324 3.85 -21.91 -20.33
C PRO A 324 4.47 -22.67 -19.15
N GLU A 325 5.80 -22.66 -19.03
CA GLU A 325 6.48 -23.31 -17.91
C GLU A 325 6.36 -22.55 -16.57
N MET A 326 5.84 -21.32 -16.62
CA MET A 326 5.57 -20.53 -15.40
C MET A 326 4.14 -20.67 -14.89
N GLY A 327 3.20 -21.01 -15.77
CA GLY A 327 1.78 -21.00 -15.44
C GLY A 327 1.30 -22.30 -14.85
N VAL A 328 0.55 -22.20 -13.76
CA VAL A 328 -0.13 -23.36 -13.16
C VAL A 328 -1.57 -23.28 -13.63
N SER A 329 -1.98 -24.27 -14.41
CA SER A 329 -3.28 -24.27 -15.08
C SER A 329 -4.23 -25.31 -14.51
N PHE A 330 -5.50 -24.93 -14.38
CA PHE A 330 -6.57 -25.80 -13.93
C PHE A 330 -7.90 -25.23 -14.40
N LYS A 331 -8.92 -26.06 -14.48
CA LYS A 331 -10.28 -25.58 -14.78
C LYS A 331 -11.16 -25.83 -13.57
N LEU A 332 -11.69 -24.76 -13.00
CA LEU A 332 -12.54 -24.86 -11.82
C LEU A 332 -13.84 -25.57 -12.14
N GLU A 333 -14.28 -26.40 -11.20
CA GLU A 333 -15.59 -27.04 -11.22
C GLU A 333 -16.50 -26.21 -10.33
N PRO A 334 -17.83 -26.35 -10.51
CA PRO A 334 -18.77 -25.68 -9.61
C PRO A 334 -18.47 -25.95 -8.14
N GLY A 335 -18.44 -24.89 -7.33
CA GLY A 335 -18.14 -25.00 -5.91
C GLY A 335 -16.65 -25.01 -5.56
N GLU A 336 -15.78 -25.00 -6.56
CA GLU A 336 -14.34 -24.84 -6.34
C GLU A 336 -13.97 -23.37 -6.45
N SER A 337 -12.93 -22.99 -5.72
CA SER A 337 -12.47 -21.61 -5.73
C SER A 337 -10.97 -21.57 -5.54
N PHE A 338 -10.38 -20.40 -5.74
CA PHE A 338 -9.01 -20.17 -5.32
C PHE A 338 -8.79 -18.77 -4.83
N ILE A 339 -7.73 -18.61 -4.04
CA ILE A 339 -7.33 -17.32 -3.50
C ILE A 339 -5.94 -17.04 -4.04
N VAL A 340 -5.71 -15.79 -4.44
CA VAL A 340 -4.38 -15.32 -4.75
C VAL A 340 -4.01 -14.15 -3.86
N ASP A 341 -2.74 -14.09 -3.49
CA ASP A 341 -2.11 -12.88 -2.99
C ASP A 341 -2.01 -11.96 -4.21
N ASN A 342 -2.89 -10.96 -4.26
CA ASN A 342 -3.01 -10.10 -5.43
C ASN A 342 -1.91 -9.03 -5.53
N THR A 343 -1.02 -8.99 -4.54
CA THR A 343 0.21 -8.20 -4.62
C THR A 343 1.37 -9.01 -5.23
N ARG A 344 1.14 -10.27 -5.61
CA ARG A 344 2.21 -11.18 -5.99
C ARG A 344 1.86 -12.15 -7.12
N VAL A 345 0.80 -12.94 -6.93
CA VAL A 345 0.44 -13.99 -7.86
C VAL A 345 -0.59 -13.45 -8.83
N LEU A 346 -0.27 -13.58 -10.11
CA LEU A 346 -1.13 -13.13 -11.20
C LEU A 346 -2.10 -14.24 -11.54
N HIS A 347 -3.26 -13.86 -12.08
CA HIS A 347 -4.21 -14.83 -12.59
C HIS A 347 -4.65 -14.50 -14.01
N ALA A 348 -4.97 -15.55 -14.76
CA ALA A 348 -5.37 -15.45 -16.15
C ALA A 348 -6.52 -16.39 -16.39
N ARG A 349 -7.14 -16.25 -17.55
CA ARG A 349 -8.09 -17.27 -18.01
C ARG A 349 -8.03 -17.39 -19.53
N LEU A 350 -8.28 -18.60 -20.02
CA LEU A 350 -8.41 -18.83 -21.45
C LEU A 350 -9.81 -18.43 -21.87
N GLY A 351 -9.94 -17.94 -23.10
CA GLY A 351 -11.24 -17.56 -23.64
C GLY A 351 -12.18 -18.74 -23.67
N TYR A 352 -13.47 -18.45 -23.69
CA TYR A 352 -14.49 -19.50 -23.72
C TYR A 352 -15.55 -19.17 -24.75
N SER A 353 -16.20 -20.21 -25.26
CA SER A 353 -17.10 -20.07 -26.40
C SER A 353 -17.99 -21.30 -26.58
N GLY A 354 -18.89 -21.20 -27.55
CA GLY A 354 -19.78 -22.31 -27.90
C GLY A 354 -20.90 -22.49 -26.90
N SER A 355 -21.48 -23.69 -26.90
CA SER A 355 -22.56 -24.02 -25.97
C SER A 355 -22.01 -24.11 -24.54
N GLY A 356 -22.90 -23.96 -23.57
CA GLY A 356 -22.53 -23.97 -22.16
C GLY A 356 -22.42 -22.57 -21.59
N SER A 357 -22.13 -22.50 -20.29
CA SER A 357 -22.14 -21.24 -19.55
C SER A 357 -20.98 -21.17 -18.57
N ARG A 358 -20.38 -19.99 -18.46
CA ARG A 358 -19.37 -19.73 -17.45
C ARG A 358 -19.85 -18.66 -16.49
N TRP A 359 -19.74 -18.94 -15.21
CA TRP A 359 -20.11 -17.99 -14.18
C TRP A 359 -19.21 -18.19 -12.96
N LEU A 360 -18.31 -17.23 -12.77
CA LEU A 360 -17.48 -17.16 -11.58
C LEU A 360 -17.92 -15.93 -10.80
N GLN A 361 -17.67 -15.93 -9.51
CA GLN A 361 -17.85 -14.75 -8.67
C GLN A 361 -16.50 -14.38 -8.09
N GLY A 362 -16.25 -13.08 -7.95
CA GLY A 362 -14.99 -12.60 -7.40
C GLY A 362 -15.17 -11.55 -6.33
N CYS A 363 -14.21 -11.48 -5.41
CA CYS A 363 -14.19 -10.45 -4.39
C CYS A 363 -12.77 -10.27 -3.88
N TYR A 364 -12.58 -9.17 -3.17
CA TYR A 364 -11.29 -8.83 -2.58
C TYR A 364 -11.37 -8.93 -1.07
N ALA A 365 -10.25 -9.32 -0.47
CA ALA A 365 -10.07 -9.25 0.99
C ALA A 365 -8.65 -8.73 1.25
N ASP A 366 -8.26 -8.63 2.53
CA ASP A 366 -6.92 -8.12 2.83
C ASP A 366 -6.05 -9.05 3.65
N LYS A 367 -4.75 -9.01 3.34
CA LYS A 367 -3.77 -9.92 3.92
C LYS A 367 -3.57 -9.69 5.40
N ASP A 368 -3.77 -8.45 5.86
CA ASP A 368 -3.60 -8.16 7.29
C ASP A 368 -4.49 -9.05 8.16
N GLY A 369 -5.75 -9.21 7.75
CA GLY A 369 -6.71 -10.07 8.43
C GLY A 369 -6.35 -11.55 8.35
N LEU A 370 -5.93 -11.99 7.16
CA LEU A 370 -5.49 -13.37 6.96
C LEU A 370 -4.34 -13.73 7.90
N PHE A 371 -3.33 -12.86 7.95
CA PHE A 371 -2.18 -13.07 8.83
C PHE A 371 -2.58 -13.10 10.31
N SER A 372 -3.50 -12.23 10.71
CA SER A 372 -3.97 -12.23 12.10
C SER A 372 -4.65 -13.54 12.45
N THR A 373 -5.55 -13.99 11.58
CA THR A 373 -6.24 -15.26 11.76
C THR A 373 -5.24 -16.41 11.86
N LEU A 374 -4.25 -16.41 10.97
CA LEU A 374 -3.17 -17.40 10.97
C LEU A 374 -2.34 -17.34 12.26
N ASN A 375 -1.93 -16.14 12.63
CA ASN A 375 -1.20 -15.89 13.88
C ASN A 375 -1.94 -16.39 15.12
N VAL A 376 -3.25 -16.16 15.17
CA VAL A 376 -4.10 -16.61 16.27
C VAL A 376 -4.21 -18.14 16.29
N LEU A 377 -4.45 -18.74 15.12
CA LEU A 377 -4.50 -20.21 14.99
C LEU A 377 -3.19 -20.88 15.39
N ASN A 378 -2.05 -20.29 15.03
CA ASN A 378 -0.74 -20.78 15.44
C ASN A 378 -0.55 -20.76 16.96
N ALA A 379 -1.02 -19.69 17.61
CA ALA A 379 -0.96 -19.59 19.07
C ALA A 379 -1.86 -20.61 19.75
N GLN A 380 -3.10 -20.72 19.26
CA GLN A 380 -4.08 -21.66 19.81
C GLN A 380 -3.76 -23.15 19.58
N LEU A 381 -2.95 -23.44 18.56
CA LEU A 381 -2.54 -24.83 18.25
C LEU A 381 -1.13 -25.18 18.74
N GLY A 382 -0.47 -24.28 19.47
CA GLY A 382 0.86 -24.54 20.00
C GLY A 382 1.58 -23.30 20.49
N HIS B 5 0.85 25.97 -28.28
CA HIS B 5 1.70 25.06 -27.43
C HIS B 5 1.14 23.65 -27.21
N HIS B 6 -0.20 23.50 -27.19
CA HIS B 6 -0.86 22.20 -27.37
C HIS B 6 -1.23 21.94 -28.85
N MET B 7 -0.97 22.91 -29.73
CA MET B 7 -1.24 22.79 -31.17
C MET B 7 0.00 22.29 -31.89
N PRO B 8 -0.04 21.06 -32.46
CA PRO B 8 1.11 20.59 -33.22
C PRO B 8 1.28 21.33 -34.54
N ARG B 9 2.52 21.60 -34.91
CA ARG B 9 2.87 22.28 -36.17
C ARG B 9 3.39 21.29 -37.21
N SER B 10 4.39 20.50 -36.84
CA SER B 10 5.03 19.56 -37.75
C SER B 10 5.73 18.43 -36.99
N VAL B 11 6.16 17.43 -37.74
CA VAL B 11 6.83 16.24 -37.19
C VAL B 11 7.94 15.76 -38.12
N THR B 12 9.02 15.27 -37.51
CA THR B 12 10.08 14.58 -38.23
C THR B 12 10.27 13.22 -37.58
N ALA B 13 10.45 12.19 -38.39
CA ALA B 13 10.78 10.85 -37.91
C ALA B 13 12.27 10.64 -38.06
N ASP B 14 12.84 9.85 -37.15
CA ASP B 14 14.23 9.42 -37.26
C ASP B 14 14.34 8.45 -38.44
N ALA B 15 15.54 8.35 -39.04
CA ALA B 15 15.75 7.41 -40.15
C ALA B 15 15.50 5.95 -39.73
N SER B 16 15.81 5.64 -38.47
CA SER B 16 15.53 4.32 -37.88
C SER B 16 14.04 4.02 -37.73
N GLY B 17 13.23 5.07 -37.59
CA GLY B 17 11.83 4.94 -37.25
C GLY B 17 11.61 4.64 -35.78
N SER B 18 12.66 4.76 -34.95
CA SER B 18 12.56 4.38 -33.54
C SER B 18 11.89 5.46 -32.69
N PHE B 19 11.97 6.72 -33.12
CA PHE B 19 11.20 7.80 -32.50
C PHE B 19 10.86 8.89 -33.53
N LEU B 20 9.98 9.80 -33.11
CA LEU B 20 9.69 11.00 -33.89
C LEU B 20 9.79 12.21 -32.98
N THR B 21 9.93 13.38 -33.61
CA THR B 21 10.05 14.64 -32.91
C THR B 21 8.90 15.53 -33.35
N LEU B 22 8.05 15.89 -32.40
CA LEU B 22 6.85 16.70 -32.66
C LEU B 22 7.14 18.14 -32.27
N THR B 23 7.01 19.06 -33.21
CA THR B 23 7.17 20.49 -32.95
C THR B 23 5.79 21.14 -32.83
N PHE B 24 5.57 21.88 -31.74
CA PHE B 24 4.31 22.59 -31.50
C PHE B 24 4.39 24.03 -32.02
N GLU B 25 3.25 24.71 -32.04
CA GLU B 25 3.15 26.06 -32.65
C GLU B 25 3.90 27.16 -31.89
N ASP B 26 4.18 26.94 -30.61
CA ASP B 26 5.00 27.87 -29.80
C ASP B 26 6.52 27.68 -29.97
N GLY B 27 6.93 26.68 -30.77
CA GLY B 27 8.35 26.39 -30.99
C GLY B 27 8.88 25.21 -30.20
N SER B 28 8.15 24.80 -29.15
CA SER B 28 8.58 23.69 -28.28
C SER B 28 8.57 22.36 -29.04
N GLU B 29 9.45 21.46 -28.61
CA GLU B 29 9.59 20.14 -29.21
C GLU B 29 9.32 19.06 -28.16
N SER B 30 8.90 17.89 -28.63
CA SER B 30 8.65 16.74 -27.77
C SER B 30 8.85 15.46 -28.58
N ARG B 31 9.72 14.59 -28.09
CA ARG B 31 10.07 13.35 -28.78
C ARG B 31 9.27 12.18 -28.20
N PHE B 32 8.79 11.31 -29.09
CA PHE B 32 8.01 10.12 -28.70
C PHE B 32 8.58 8.88 -29.40
N HIS B 33 8.85 7.84 -28.63
CA HIS B 33 9.32 6.57 -29.17
C HIS B 33 8.19 5.83 -29.86
N ALA B 34 8.53 5.11 -30.92
CA ALA B 34 7.57 4.31 -31.70
C ALA B 34 6.83 3.30 -30.82
N ILE B 35 7.58 2.59 -29.97
CA ILE B 35 6.99 1.59 -29.07
C ILE B 35 5.96 2.21 -28.13
N TRP B 36 6.27 3.39 -27.60
CA TRP B 36 5.36 4.12 -26.68
C TRP B 36 4.10 4.57 -27.41
N LEU B 37 4.26 5.11 -28.62
CA LEU B 37 3.12 5.54 -29.42
C LEU B 37 2.22 4.36 -29.80
N ARG B 38 2.82 3.24 -30.20
CA ARG B 38 2.05 2.05 -30.56
C ARG B 38 1.28 1.49 -29.37
N ASP B 39 1.93 1.41 -28.21
CA ASP B 39 1.28 0.91 -27.00
C ASP B 39 0.15 1.84 -26.55
N ASN B 40 0.31 3.14 -26.77
CA ASN B 40 -0.70 4.13 -26.39
C ASN B 40 -1.65 4.57 -27.48
N ALA B 41 -1.71 3.82 -28.58
CA ALA B 41 -2.68 4.11 -29.64
C ALA B 41 -4.10 4.11 -29.07
N LEU B 42 -4.89 5.09 -29.50
CA LEU B 42 -6.22 5.34 -28.95
C LEU B 42 -7.34 4.82 -29.86
N ASP B 43 -6.98 4.13 -30.94
CA ASP B 43 -7.95 3.63 -31.92
C ASP B 43 -8.73 2.42 -31.35
N PRO B 44 -9.88 2.09 -31.97
CA PRO B 44 -10.74 1.01 -31.44
C PRO B 44 -10.16 -0.40 -31.36
N GLU B 45 -9.11 -0.72 -32.12
CA GLU B 45 -8.47 -2.04 -32.02
C GLU B 45 -7.34 -2.07 -30.97
N THR B 46 -6.98 -0.92 -30.42
CA THR B 46 -6.02 -0.86 -29.31
C THR B 46 -6.73 -0.58 -27.97
N ARG B 47 -7.70 0.34 -27.98
CA ARG B 47 -8.50 0.67 -26.79
C ARG B 47 -9.98 0.44 -27.08
N SER B 48 -10.62 -0.41 -26.29
CA SER B 48 -12.06 -0.66 -26.43
C SER B 48 -12.85 0.65 -26.32
N PRO B 49 -13.67 0.98 -27.35
CA PRO B 49 -14.45 2.22 -27.24
C PRO B 49 -15.44 2.24 -26.07
N GLY B 50 -15.96 1.07 -25.68
CA GLY B 50 -16.96 0.98 -24.62
C GLY B 50 -16.45 1.16 -23.20
N ASN B 51 -15.26 0.64 -22.91
CA ASN B 51 -14.70 0.67 -21.54
C ASN B 51 -13.25 1.17 -21.38
N GLY B 52 -12.61 1.55 -22.48
CA GLY B 52 -11.24 2.07 -22.43
C GLY B 52 -10.13 1.07 -22.11
N GLN B 53 -10.47 -0.21 -22.03
CA GLN B 53 -9.47 -1.26 -21.76
C GLN B 53 -8.60 -1.52 -22.98
N ARG B 54 -7.29 -1.62 -22.77
CA ARG B 54 -6.36 -1.96 -23.84
C ARG B 54 -6.61 -3.41 -24.29
N LEU B 55 -6.64 -3.61 -25.60
CA LEU B 55 -7.00 -4.89 -26.21
C LEU B 55 -5.79 -5.77 -26.60
N ILE B 56 -4.58 -5.23 -26.45
CA ILE B 56 -3.35 -5.92 -26.81
C ILE B 56 -2.34 -5.90 -25.67
N THR B 57 -1.49 -6.92 -25.65
CA THR B 57 -0.43 -7.05 -24.66
C THR B 57 0.86 -6.48 -25.24
N ILE B 58 1.87 -6.31 -24.41
CA ILE B 58 3.20 -5.94 -24.92
C ILE B 58 3.72 -7.01 -25.90
N GLY B 59 3.52 -8.28 -25.56
CA GLY B 59 3.89 -9.39 -26.45
C GLY B 59 3.26 -9.36 -27.85
N ASP B 60 2.04 -8.81 -27.94
CA ASP B 60 1.34 -8.65 -29.23
C ASP B 60 1.99 -7.63 -30.17
N ILE B 61 2.70 -6.65 -29.61
CA ILE B 61 3.32 -5.59 -30.39
C ILE B 61 4.67 -6.13 -30.88
N PRO B 62 4.89 -6.15 -32.21
CA PRO B 62 6.19 -6.61 -32.71
C PRO B 62 7.36 -5.86 -32.08
N ALA B 63 8.37 -6.60 -31.62
CA ALA B 63 9.54 -6.00 -30.96
C ALA B 63 10.30 -5.03 -31.86
N ASP B 64 10.24 -5.27 -33.17
CA ASP B 64 10.84 -4.39 -34.20
C ASP B 64 9.89 -3.28 -34.69
N THR B 65 8.86 -2.94 -33.89
CA THR B 65 7.93 -1.88 -34.26
C THR B 65 8.64 -0.53 -34.43
N ARG B 66 8.35 0.12 -35.56
CA ARG B 66 8.93 1.42 -35.86
C ARG B 66 7.89 2.32 -36.54
N ILE B 67 8.15 3.62 -36.51
CA ILE B 67 7.38 4.61 -37.26
C ILE B 67 7.77 4.51 -38.73
N SER B 68 6.80 4.18 -39.57
CA SER B 68 7.00 4.10 -41.02
C SER B 68 6.83 5.48 -41.68
N THR B 69 5.67 6.09 -41.42
CA THR B 69 5.29 7.39 -41.96
C THR B 69 4.59 8.18 -40.86
N ALA B 70 4.80 9.49 -40.84
CA ALA B 70 4.11 10.38 -39.89
C ALA B 70 3.85 11.75 -40.50
N LEU B 71 2.79 12.41 -40.05
CA LEU B 71 2.43 13.72 -40.54
C LEU B 71 1.52 14.45 -39.55
N VAL B 72 1.73 15.75 -39.41
CA VAL B 72 0.83 16.62 -38.66
C VAL B 72 -0.15 17.27 -39.62
N ASP B 73 -1.43 17.22 -39.27
CA ASP B 73 -2.49 17.84 -40.06
C ASP B 73 -3.64 18.24 -39.14
N ASP B 74 -4.08 19.50 -39.24
CA ASP B 74 -5.30 19.98 -38.60
C ASP B 74 -5.38 19.61 -37.11
N GLY B 75 -4.31 19.92 -36.38
CA GLY B 75 -4.25 19.72 -34.94
C GLY B 75 -3.98 18.33 -34.41
N ALA B 76 -3.69 17.37 -35.31
CA ALA B 76 -3.47 15.98 -34.93
C ALA B 76 -2.26 15.39 -35.63
N LEU B 77 -1.75 14.29 -35.07
CA LEU B 77 -0.62 13.56 -35.62
C LEU B 77 -1.12 12.25 -36.20
N THR B 78 -0.81 12.00 -37.47
CA THR B 78 -1.03 10.70 -38.09
C THR B 78 0.28 9.92 -38.05
N VAL B 79 0.24 8.69 -37.56
CA VAL B 79 1.42 7.81 -37.51
C VAL B 79 1.05 6.46 -38.08
N THR B 80 1.92 5.92 -38.94
CA THR B 80 1.78 4.54 -39.41
C THR B 80 2.97 3.71 -38.92
N PHE B 81 2.66 2.54 -38.36
CA PHE B 81 3.66 1.66 -37.77
C PHE B 81 4.02 0.51 -38.71
N ALA B 82 5.30 0.17 -38.78
CA ALA B 82 5.76 -1.08 -39.39
C ALA B 82 6.27 -1.98 -38.28
N PRO B 83 6.16 -3.31 -38.37
CA PRO B 83 5.70 -4.05 -39.56
C PRO B 83 4.19 -4.35 -39.63
N GLU B 84 3.40 -3.90 -38.66
CA GLU B 84 1.95 -4.10 -38.68
C GLU B 84 1.27 -3.41 -39.86
N GLY B 85 1.79 -2.25 -40.26
CA GLY B 85 1.15 -1.43 -41.29
C GLY B 85 -0.09 -0.75 -40.76
N LYS B 86 -0.06 -0.35 -39.49
CA LYS B 86 -1.24 0.17 -38.81
C LYS B 86 -1.15 1.69 -38.72
N THR B 87 -2.18 2.38 -39.22
CA THR B 87 -2.28 3.84 -39.13
C THR B 87 -3.22 4.23 -37.98
N VAL B 88 -2.73 5.13 -37.12
CA VAL B 88 -3.53 5.73 -36.04
C VAL B 88 -3.34 7.24 -36.03
N THR B 89 -4.24 7.95 -35.37
CA THR B 89 -4.11 9.39 -35.18
C THR B 89 -4.17 9.75 -33.69
N PHE B 90 -3.45 10.81 -33.33
CA PHE B 90 -3.39 11.30 -31.95
C PHE B 90 -3.79 12.77 -31.97
N PRO B 91 -4.78 13.16 -31.15
CA PRO B 91 -5.05 14.58 -30.97
C PRO B 91 -3.86 15.31 -30.37
N GLY B 92 -3.62 16.53 -30.83
CA GLY B 92 -2.51 17.36 -30.33
C GLY B 92 -2.50 17.56 -28.83
N LYS B 93 -3.66 17.91 -28.27
CA LYS B 93 -3.81 18.09 -26.82
C LYS B 93 -3.36 16.87 -26.03
N TRP B 94 -3.71 15.68 -26.53
CA TRP B 94 -3.37 14.43 -25.87
C TRP B 94 -1.85 14.22 -25.81
N LEU B 95 -1.17 14.46 -26.92
CA LEU B 95 0.29 14.28 -27.01
C LEU B 95 1.01 15.19 -26.01
N LYS B 96 0.61 16.46 -25.95
CA LYS B 96 1.21 17.42 -25.02
C LYS B 96 0.96 17.00 -23.56
N SER B 97 -0.29 16.68 -23.25
CA SER B 97 -0.69 16.27 -21.89
C SER B 97 0.02 15.01 -21.40
N ASN B 98 0.30 14.07 -22.31
CA ASN B 98 0.95 12.80 -21.97
C ASN B 98 2.43 12.71 -22.38
N ALA B 99 3.08 13.86 -22.59
CA ALA B 99 4.49 13.89 -22.99
C ALA B 99 5.36 13.35 -21.86
N TYR B 100 6.41 12.62 -22.22
CA TYR B 100 7.42 12.17 -21.24
C TYR B 100 8.82 12.71 -21.50
N ASP B 101 9.04 13.35 -22.66
CA ASP B 101 10.30 14.02 -22.97
C ASP B 101 10.29 15.39 -22.27
N THR B 102 10.35 15.34 -20.95
CA THR B 102 10.29 16.53 -20.10
C THR B 102 11.42 16.40 -19.08
N ASP B 103 11.68 17.47 -18.34
CA ASP B 103 12.72 17.45 -17.32
C ASP B 103 12.06 17.05 -15.99
N GLN B 104 11.85 15.74 -15.81
CA GLN B 104 11.23 15.22 -14.58
C GLN B 104 12.17 15.40 -13.38
N SER B 105 11.66 15.99 -12.31
CA SER B 105 12.43 16.20 -11.09
C SER B 105 12.84 14.88 -10.46
N SER B 106 14.06 14.85 -9.92
CA SER B 106 14.60 13.69 -9.22
C SER B 106 14.94 14.04 -7.76
N GLU B 107 14.38 15.14 -7.26
CA GLU B 107 14.64 15.60 -5.90
C GLU B 107 14.09 14.60 -4.89
N VAL B 108 14.96 14.06 -4.04
CA VAL B 108 14.59 13.02 -3.08
C VAL B 108 13.77 13.65 -1.95
N GLY B 109 12.59 13.08 -1.69
CA GLY B 109 11.70 13.56 -0.63
C GLY B 109 10.80 14.73 -1.00
N ARG B 110 10.77 15.11 -2.29
CA ARG B 110 9.84 16.14 -2.77
C ARG B 110 8.39 15.66 -2.61
N THR B 111 7.48 16.60 -2.39
CA THR B 111 6.05 16.27 -2.35
C THR B 111 5.48 16.35 -3.75
N SER B 112 4.39 15.61 -3.96
CA SER B 112 3.60 15.68 -5.19
C SER B 112 3.09 17.11 -5.38
N PRO B 113 3.07 17.63 -6.63
CA PRO B 113 2.53 18.98 -6.87
C PRO B 113 1.04 19.12 -6.49
N ASP B 114 0.32 18.00 -6.44
CA ASP B 114 -1.08 17.96 -6.02
C ASP B 114 -1.30 18.32 -4.54
N VAL B 115 -0.29 18.15 -3.69
CA VAL B 115 -0.44 18.42 -2.25
C VAL B 115 0.17 19.76 -1.82
N GLU B 116 -0.36 20.30 -0.73
CA GLU B 116 0.17 21.50 -0.10
C GLU B 116 0.38 21.19 1.38
N THR B 117 1.62 21.32 1.85
CA THR B 117 1.94 21.05 3.25
C THR B 117 1.61 22.25 4.15
N TRP B 118 1.45 21.99 5.44
CA TRP B 118 0.99 23.03 6.37
C TRP B 118 1.47 22.82 7.81
N ASP B 119 1.35 23.89 8.58
CA ASP B 119 1.61 23.87 10.03
C ASP B 119 0.41 24.53 10.73
N SER B 120 0.58 25.00 11.97
CA SER B 120 -0.52 25.61 12.75
C SER B 120 -1.16 26.85 12.13
N SER B 121 -0.52 27.50 11.16
CA SER B 121 -1.14 28.64 10.44
C SER B 121 -2.31 28.26 9.53
N GLN B 122 -2.41 26.99 9.16
CA GLN B 122 -3.50 26.48 8.31
C GLN B 122 -4.83 26.37 9.09
N PRO B 123 -5.88 27.12 8.64
CA PRO B 123 -7.20 26.89 9.22
C PRO B 123 -7.75 25.53 8.84
N ALA B 124 -8.50 24.89 9.74
CA ALA B 124 -9.13 23.60 9.45
C ALA B 124 -10.21 23.80 8.36
N PRO B 125 -10.07 23.13 7.19
CA PRO B 125 -11.14 23.23 6.20
C PRO B 125 -12.47 22.74 6.76
N ALA B 126 -13.55 23.49 6.54
CA ALA B 126 -14.86 23.16 7.09
C ALA B 126 -15.90 23.18 5.99
N PHE B 127 -16.73 22.14 5.95
CA PHE B 127 -17.80 22.01 4.95
C PHE B 127 -19.09 21.58 5.63
N ASP B 128 -20.21 21.86 4.97
CA ASP B 128 -21.53 21.59 5.53
C ASP B 128 -22.07 20.25 5.03
N TRP B 129 -22.54 19.43 5.96
CA TRP B 129 -23.08 18.09 5.69
C TRP B 129 -24.16 18.08 4.60
N ASN B 130 -25.10 19.01 4.70
CA ASN B 130 -26.21 19.10 3.74
C ASN B 130 -25.74 19.60 2.38
N GLU B 131 -24.85 20.59 2.36
CA GLU B 131 -24.36 21.16 1.10
C GLU B 131 -23.56 20.16 0.26
N VAL B 132 -22.72 19.35 0.91
CA VAL B 132 -21.94 18.34 0.18
C VAL B 132 -22.82 17.27 -0.45
N GLN B 133 -24.01 17.03 0.11
CA GLN B 133 -24.96 16.08 -0.49
C GLN B 133 -25.73 16.65 -1.68
N SER B 134 -26.09 17.93 -1.62
CA SER B 134 -26.95 18.55 -2.64
C SER B 134 -26.23 19.41 -3.67
N ASP B 135 -25.03 19.89 -3.35
CA ASP B 135 -24.26 20.77 -4.23
C ASP B 135 -22.97 20.06 -4.65
N PRO B 136 -22.88 19.62 -5.94
CA PRO B 136 -21.68 18.91 -6.40
C PRO B 136 -20.38 19.74 -6.27
N LYS B 137 -20.47 21.06 -6.45
CA LYS B 137 -19.32 21.96 -6.24
C LYS B 137 -18.81 21.93 -4.79
N ALA B 138 -19.73 21.93 -3.82
CA ALA B 138 -19.36 21.82 -2.40
C ALA B 138 -18.71 20.47 -2.10
N LYS B 139 -19.29 19.41 -2.67
CA LYS B 139 -18.75 18.08 -2.52
C LYS B 139 -17.33 17.99 -3.10
N ARG B 140 -17.16 18.52 -4.31
CA ARG B 140 -15.85 18.56 -4.97
C ARG B 140 -14.83 19.30 -4.10
N ASP B 141 -15.21 20.45 -3.57
CA ASP B 141 -14.29 21.26 -2.75
C ASP B 141 -13.93 20.56 -1.42
N TRP B 142 -14.91 19.89 -0.83
CA TRP B 142 -14.69 19.08 0.38
C TRP B 142 -13.65 17.99 0.13
N LEU B 143 -13.87 17.19 -0.91
CA LEU B 143 -12.95 16.11 -1.25
C LEU B 143 -11.59 16.62 -1.73
N ASP B 144 -11.57 17.74 -2.46
CA ASP B 144 -10.32 18.35 -2.91
C ASP B 144 -9.44 18.83 -1.74
N ALA B 145 -10.06 19.36 -0.69
CA ALA B 145 -9.35 19.74 0.53
C ALA B 145 -8.68 18.52 1.18
N ILE B 146 -9.40 17.40 1.24
CA ILE B 146 -8.82 16.16 1.77
C ILE B 146 -7.68 15.67 0.87
N ALA B 147 -7.84 15.80 -0.46
CA ALA B 147 -6.75 15.46 -1.40
C ALA B 147 -5.50 16.34 -1.23
N ARG B 148 -5.69 17.67 -1.25
CA ARG B 148 -4.57 18.64 -1.20
C ARG B 148 -3.92 18.74 0.18
N LEU B 149 -4.74 18.88 1.23
CA LEU B 149 -4.26 19.15 2.59
C LEU B 149 -4.24 17.92 3.50
N GLY B 150 -4.96 16.87 3.13
CA GLY B 150 -5.00 15.64 3.92
C GLY B 150 -5.99 15.62 5.07
N PHE B 151 -6.81 16.66 5.22
CA PHE B 151 -7.89 16.66 6.20
C PHE B 151 -8.96 17.69 5.90
N ALA B 152 -10.13 17.47 6.49
CA ALA B 152 -11.26 18.38 6.39
C ALA B 152 -12.27 18.05 7.46
N LYS B 153 -13.00 19.08 7.89
CA LYS B 153 -14.04 18.96 8.88
C LYS B 153 -15.39 19.05 8.18
N LEU B 154 -16.35 18.28 8.65
CA LEU B 154 -17.73 18.31 8.14
C LEU B 154 -18.63 18.67 9.32
N VAL B 155 -19.40 19.75 9.18
CA VAL B 155 -20.24 20.26 10.27
C VAL B 155 -21.73 20.16 9.91
N ASN B 156 -22.58 20.37 10.92
CA ASN B 156 -24.05 20.29 10.78
C ASN B 156 -24.56 18.92 10.31
N GLY B 157 -23.87 17.86 10.73
CA GLY B 157 -24.31 16.49 10.43
C GLY B 157 -25.30 16.00 11.47
N PRO B 158 -25.97 14.86 11.18
CA PRO B 158 -26.94 14.31 12.12
C PRO B 158 -26.28 13.74 13.37
N VAL B 159 -26.94 13.92 14.52
CA VAL B 159 -26.52 13.30 15.76
C VAL B 159 -27.19 11.92 15.81
N ARG B 160 -26.55 10.97 15.14
CA ARG B 160 -27.12 9.63 14.95
C ARG B 160 -26.00 8.60 14.89
N GLU B 161 -26.21 7.47 15.58
CA GLU B 161 -25.25 6.35 15.54
C GLU B 161 -25.09 5.84 14.11
N GLY B 162 -23.83 5.63 13.71
CA GLY B 162 -23.51 5.15 12.39
C GLY B 162 -23.50 6.20 11.29
N ALA B 163 -23.68 7.48 11.63
CA ALA B 163 -23.70 8.56 10.65
C ALA B 163 -22.37 8.67 9.89
N LEU B 164 -21.27 8.33 10.55
CA LEU B 164 -19.95 8.33 9.90
C LEU B 164 -19.87 7.36 8.69
N ILE B 165 -20.66 6.29 8.72
CA ILE B 165 -20.72 5.33 7.61
C ILE B 165 -21.41 5.98 6.41
N GLU B 166 -22.44 6.78 6.66
CA GLU B 166 -23.10 7.57 5.62
C GLU B 166 -22.10 8.55 4.99
N CYS B 167 -21.26 9.17 5.82
CA CYS B 167 -20.22 10.07 5.35
C CYS B 167 -19.24 9.35 4.41
N ALA B 168 -18.73 8.20 4.85
CA ALA B 168 -17.83 7.38 4.03
C ALA B 168 -18.46 7.06 2.67
N SER B 169 -19.73 6.66 2.70
CA SER B 169 -20.47 6.30 1.49
C SER B 169 -20.68 7.46 0.51
N MET B 170 -20.53 8.72 0.93
CA MET B 170 -20.56 9.85 0.01
C MET B 170 -19.44 9.84 -1.03
N PHE B 171 -18.30 9.21 -0.72
CA PHE B 171 -17.17 9.17 -1.65
C PHE B 171 -16.56 7.79 -1.91
N GLY B 172 -16.85 6.79 -1.09
CA GLY B 172 -16.10 5.54 -1.16
C GLY B 172 -16.62 4.45 -0.26
N PHE B 173 -15.71 3.62 0.24
CA PHE B 173 -16.08 2.37 0.93
C PHE B 173 -15.29 2.20 2.21
N VAL B 174 -15.99 1.69 3.23
CA VAL B 174 -15.43 1.50 4.56
C VAL B 174 -14.48 0.29 4.56
N ARG B 175 -13.32 0.45 5.15
CA ARG B 175 -12.43 -0.67 5.42
C ARG B 175 -12.91 -1.33 6.72
N GLU B 176 -13.56 -2.47 6.58
CA GLU B 176 -14.06 -3.22 7.72
C GLU B 176 -12.91 -3.97 8.38
N THR B 177 -12.84 -3.91 9.70
CA THR B 177 -11.85 -4.67 10.47
C THR B 177 -12.52 -5.60 11.48
N ASN B 178 -11.69 -6.33 12.23
CA ASN B 178 -12.13 -7.11 13.39
C ASN B 178 -12.95 -6.30 14.41
N TYR B 179 -12.70 -4.99 14.51
CA TYR B 179 -13.49 -4.11 15.37
C TYR B 179 -14.85 -3.71 14.80
N GLY B 180 -15.13 -4.05 13.54
CA GLY B 180 -16.41 -3.78 12.87
C GLY B 180 -16.26 -2.81 11.70
N LYS B 181 -17.39 -2.41 11.12
CA LYS B 181 -17.37 -1.32 10.12
C LYS B 181 -17.03 0.01 10.79
N TYR B 182 -17.40 0.17 12.04
CA TYR B 182 -16.95 1.29 12.86
C TYR B 182 -16.82 0.86 14.30
N PHE B 183 -16.18 1.72 15.08
CA PHE B 183 -15.93 1.45 16.50
C PHE B 183 -16.32 2.66 17.34
N GLU B 184 -16.58 2.37 18.62
CA GLU B 184 -17.01 3.38 19.58
C GLU B 184 -15.77 3.92 20.29
N VAL B 185 -15.75 5.23 20.53
CA VAL B 185 -14.70 5.86 21.32
C VAL B 185 -15.40 6.65 22.44
N ARG B 186 -15.60 5.96 23.57
CA ARG B 186 -16.27 6.54 24.74
C ARG B 186 -15.23 6.90 25.80
N THR B 187 -15.28 8.13 26.28
CA THR B 187 -14.34 8.63 27.29
C THR B 187 -15.14 9.18 28.47
N GLU B 188 -14.69 8.85 29.68
CA GLU B 188 -15.22 9.45 30.91
C GLU B 188 -14.07 10.19 31.57
N VAL B 189 -14.25 11.50 31.77
CA VAL B 189 -13.24 12.35 32.38
C VAL B 189 -13.72 12.72 33.77
N ASN B 190 -12.88 12.43 34.77
CA ASN B 190 -13.20 12.71 36.17
C ASN B 190 -11.91 12.92 36.98
N PRO B 191 -12.03 13.41 38.24
CA PRO B 191 -10.82 13.64 39.04
C PRO B 191 -9.88 12.43 39.16
N THR B 192 -10.43 11.21 39.19
CA THR B 192 -9.63 9.98 39.31
C THR B 192 -8.68 9.70 38.12
N ASN B 193 -9.03 10.19 36.92
CA ASN B 193 -8.19 10.00 35.72
C ASN B 193 -7.53 11.25 35.14
N LEU B 194 -7.84 12.44 35.66
CA LEU B 194 -7.34 13.71 35.07
C LEU B 194 -5.82 13.89 35.11
N ALA B 195 -5.11 13.16 35.95
CA ALA B 195 -3.64 13.14 35.91
C ALA B 195 -3.10 12.69 34.55
N TYR B 196 -3.76 11.71 33.92
CA TYR B 196 -3.35 11.21 32.59
C TYR B 196 -4.26 11.66 31.43
N THR B 197 -5.58 11.71 31.64
CA THR B 197 -6.49 12.27 30.60
C THR B 197 -6.28 13.78 30.39
N GLY B 198 -5.72 14.46 31.39
CA GLY B 198 -5.35 15.87 31.27
C GLY B 198 -4.07 16.17 30.50
N LEU B 199 -3.35 15.13 30.06
CA LEU B 199 -2.19 15.30 29.20
C LEU B 199 -2.53 14.90 27.76
N GLY B 200 -1.89 15.55 26.80
CA GLY B 200 -2.07 15.25 25.40
C GLY B 200 -1.42 13.93 25.02
N LEU B 201 -1.96 13.31 23.97
CA LEU B 201 -1.38 12.09 23.40
C LEU B 201 -0.50 12.50 22.23
N GLN B 202 0.58 11.76 21.98
CA GLN B 202 1.44 12.06 20.83
C GLN B 202 0.64 11.81 19.56
N ALA B 203 0.76 12.74 18.61
CA ALA B 203 0.16 12.57 17.29
C ALA B 203 0.66 11.28 16.67
N HIS B 204 -0.23 10.61 15.95
CA HIS B 204 0.09 9.34 15.32
C HIS B 204 -0.81 9.10 14.12
N THR B 205 -0.33 8.25 13.21
CA THR B 205 -1.17 7.64 12.19
C THR B 205 -1.71 6.35 12.80
N ASP B 206 -2.92 5.96 12.39
CA ASP B 206 -3.54 4.74 12.92
C ASP B 206 -3.08 3.52 12.15
N ASN B 207 -2.93 2.41 12.88
CA ASN B 207 -2.76 1.08 12.31
C ASN B 207 -1.59 0.94 11.32
N PRO B 208 -0.38 1.42 11.69
CA PRO B 208 0.78 1.16 10.83
C PRO B 208 1.17 -0.32 10.80
N TYR B 209 0.65 -1.07 11.76
CA TYR B 209 0.74 -2.53 11.77
C TYR B 209 -0.14 -3.27 10.76
N ARG B 210 -1.02 -2.56 10.05
CA ARG B 210 -1.81 -3.13 8.96
C ARG B 210 -1.14 -2.82 7.64
N ASP B 211 -0.98 -3.85 6.80
CA ASP B 211 -0.49 -3.68 5.45
C ASP B 211 -1.50 -4.40 4.55
N PRO B 212 -2.28 -3.68 3.73
CA PRO B 212 -2.18 -2.24 3.52
C PRO B 212 -2.81 -1.39 4.62
N VAL B 213 -2.15 -0.29 4.96
CA VAL B 213 -2.65 0.65 5.96
C VAL B 213 -4.01 1.21 5.51
N PRO B 214 -5.01 1.25 6.43
CA PRO B 214 -6.26 1.95 6.10
C PRO B 214 -5.97 3.41 5.77
N SER B 215 -6.36 3.85 4.58
CA SER B 215 -5.80 5.07 4.02
C SER B 215 -6.55 6.35 4.39
N LEU B 216 -7.79 6.23 4.87
CA LEU B 216 -8.55 7.35 5.43
C LEU B 216 -9.10 6.94 6.80
N GLN B 217 -9.22 7.92 7.70
CA GLN B 217 -9.91 7.72 8.98
C GLN B 217 -10.93 8.83 9.18
N ILE B 218 -12.12 8.44 9.64
CA ILE B 218 -13.20 9.36 9.98
C ILE B 218 -13.42 9.28 11.49
N LEU B 219 -13.54 10.44 12.14
CA LEU B 219 -13.92 10.53 13.55
C LEU B 219 -15.13 11.46 13.65
N TYR B 220 -16.17 10.99 14.33
CA TYR B 220 -17.50 11.61 14.32
C TYR B 220 -18.01 11.79 15.75
N CYS B 221 -18.37 13.01 16.12
CA CYS B 221 -18.83 13.30 17.49
C CYS B 221 -20.35 13.13 17.64
N LEU B 222 -20.75 12.31 18.61
CA LEU B 222 -22.16 12.18 19.02
C LEU B 222 -22.48 12.89 20.33
N GLU B 223 -21.52 12.95 21.26
CA GLU B 223 -21.73 13.57 22.57
C GLU B 223 -20.42 14.18 23.07
N ASN B 224 -20.52 15.37 23.65
CA ASN B 224 -19.37 16.01 24.29
C ASN B 224 -19.83 16.91 25.43
N SER B 225 -19.42 16.57 26.65
CA SER B 225 -19.69 17.40 27.83
C SER B 225 -18.43 17.59 28.69
N ALA B 226 -17.25 17.39 28.11
CA ALA B 226 -15.97 17.52 28.81
C ALA B 226 -15.19 18.67 28.19
N GLU B 227 -14.63 19.53 29.04
CA GLU B 227 -13.91 20.71 28.57
C GLU B 227 -12.52 20.31 28.08
N GLY B 228 -12.03 21.05 27.08
CA GLY B 228 -10.73 20.77 26.48
C GLY B 228 -10.76 19.51 25.65
N GLY B 229 -9.59 18.90 25.48
CA GLY B 229 -9.45 17.72 24.64
C GLY B 229 -9.70 18.01 23.16
N ASP B 230 -9.27 19.19 22.71
CA ASP B 230 -9.40 19.57 21.29
C ASP B 230 -8.67 18.54 20.43
N SER B 231 -9.27 18.19 19.29
CA SER B 231 -8.61 17.33 18.31
C SER B 231 -7.46 18.11 17.71
N ILE B 232 -6.39 17.40 17.37
CA ILE B 232 -5.23 18.02 16.76
C ILE B 232 -4.75 17.16 15.58
N VAL B 233 -4.37 17.83 14.50
CA VAL B 233 -3.77 17.17 13.35
C VAL B 233 -2.40 17.77 13.08
N VAL B 234 -1.47 16.92 12.66
CA VAL B 234 -0.10 17.30 12.29
C VAL B 234 0.20 16.73 10.91
N ASP B 235 0.79 17.55 10.05
CA ASP B 235 1.10 17.12 8.69
C ASP B 235 2.42 16.35 8.71
N GLY B 236 2.33 15.04 8.55
CA GLY B 236 3.52 14.19 8.48
C GLY B 236 4.46 14.59 7.36
N PHE B 237 3.92 15.07 6.24
CA PHE B 237 4.76 15.55 5.14
C PHE B 237 5.57 16.80 5.51
N ARG B 238 4.98 17.69 6.29
CA ARG B 238 5.68 18.90 6.76
C ARG B 238 6.79 18.52 7.74
N ALA B 239 6.49 17.62 8.68
CA ALA B 239 7.49 17.11 9.62
C ALA B 239 8.67 16.48 8.86
N ALA B 240 8.35 15.65 7.87
CA ALA B 240 9.36 15.02 7.03
C ALA B 240 10.18 16.02 6.21
N GLU B 241 9.51 17.04 5.65
CA GLU B 241 10.18 18.14 4.91
C GLU B 241 11.19 18.86 5.80
N ARG B 242 10.78 19.16 7.02
CA ARG B 242 11.64 19.88 7.97
C ARG B 242 12.89 19.07 8.32
N LEU B 243 12.74 17.75 8.47
CA LEU B 243 13.88 16.87 8.67
C LEU B 243 14.80 16.85 7.46
N ARG B 244 14.22 16.74 6.27
CA ARG B 244 14.98 16.68 5.02
C ARG B 244 15.82 17.95 4.79
N ASP B 245 15.20 19.11 5.00
CA ASP B 245 15.87 20.40 4.80
C ASP B 245 16.99 20.64 5.82
N GLU B 246 16.75 20.23 7.06
CA GLU B 246 17.74 20.32 8.13
C GLU B 246 18.84 19.26 8.03
N ASP B 247 18.43 18.03 7.67
CA ASP B 247 19.23 16.84 7.91
C ASP B 247 18.92 15.79 6.83
N PRO B 248 19.39 16.03 5.59
CA PRO B 248 19.10 15.09 4.49
C PRO B 248 19.57 13.65 4.74
N GLU B 249 20.68 13.46 5.43
CA GLU B 249 21.15 12.11 5.76
C GLU B 249 20.22 11.38 6.74
N GLY B 250 19.70 12.09 7.74
CA GLY B 250 18.73 11.53 8.69
C GLY B 250 17.42 11.17 8.01
N PHE B 251 16.94 12.07 7.15
CA PHE B 251 15.77 11.80 6.30
C PHE B 251 15.97 10.54 5.47
N ALA B 252 17.14 10.42 4.83
CA ALA B 252 17.46 9.26 4.01
C ALA B 252 17.47 7.95 4.82
N LEU B 253 17.93 8.01 6.07
CA LEU B 253 17.88 6.84 6.94
C LEU B 253 16.44 6.40 7.24
N LEU B 254 15.58 7.36 7.56
CA LEU B 254 14.17 7.05 7.87
C LEU B 254 13.40 6.58 6.63
N ALA B 255 13.78 7.10 5.46
CA ALA B 255 13.19 6.66 4.19
C ALA B 255 13.83 5.38 3.62
N GLY B 256 15.08 5.09 4.00
CA GLY B 256 15.86 3.99 3.41
C GLY B 256 15.85 2.66 4.15
N ASN B 257 15.21 2.60 5.32
CA ASN B 257 15.20 1.40 6.15
C ASN B 257 13.80 1.17 6.69
N PRO B 258 13.28 -0.06 6.60
CA PRO B 258 11.94 -0.28 7.17
C PRO B 258 11.98 -0.30 8.68
N ALA B 259 10.89 0.17 9.28
CA ALA B 259 10.60 -0.04 10.68
C ALA B 259 9.69 -1.26 10.80
N ARG B 260 9.35 -1.63 12.04
CA ARG B 260 8.43 -2.72 12.31
C ARG B 260 7.31 -2.18 13.20
N PHE B 261 6.09 -2.63 12.93
CA PHE B 261 4.94 -2.27 13.76
C PHE B 261 4.19 -3.54 14.11
N GLU B 262 3.66 -3.60 15.34
CA GLU B 262 2.94 -4.77 15.82
C GLU B 262 1.84 -4.38 16.80
N TYR B 263 0.69 -5.02 16.66
CA TYR B 263 -0.37 -4.98 17.65
C TYR B 263 -0.75 -6.43 17.97
N LYS B 264 -0.47 -6.85 19.20
CA LYS B 264 -0.70 -8.21 19.67
C LYS B 264 -1.58 -8.11 20.90
N GLY B 265 -2.88 -7.91 20.68
CA GLY B 265 -3.84 -7.71 21.76
C GLY B 265 -4.21 -8.99 22.47
N SER B 266 -4.97 -8.85 23.56
CA SER B 266 -5.52 -9.98 24.29
C SER B 266 -6.91 -10.40 23.77
N ASP B 267 -7.37 -9.76 22.70
CA ASP B 267 -8.66 -10.05 22.07
C ASP B 267 -8.53 -10.85 20.76
N GLY B 268 -7.48 -11.67 20.65
CA GLY B 268 -7.23 -12.50 19.48
C GLY B 268 -7.00 -11.71 18.20
N VAL B 269 -6.24 -10.63 18.32
CA VAL B 269 -5.83 -9.82 17.18
C VAL B 269 -4.31 -9.81 17.22
N HIS B 270 -3.68 -10.18 16.11
CA HIS B 270 -2.22 -10.13 16.02
C HIS B 270 -1.83 -9.63 14.64
N LEU B 271 -1.53 -8.33 14.55
CA LEU B 271 -1.24 -7.65 13.28
C LEU B 271 0.19 -7.15 13.26
N ARG B 272 0.90 -7.40 12.16
CA ARG B 272 2.30 -6.98 12.00
C ARG B 272 2.53 -6.38 10.63
N ALA B 273 3.40 -5.38 10.55
CA ALA B 273 3.87 -4.88 9.26
C ALA B 273 5.32 -4.43 9.30
N ARG B 274 5.90 -4.39 8.11
CA ARG B 274 7.31 -4.06 7.87
C ARG B 274 7.32 -2.95 6.82
N ARG B 275 7.39 -1.71 7.28
CA ARG B 275 7.33 -0.54 6.41
C ARG B 275 8.17 0.60 7.00
N PRO B 276 8.74 1.47 6.14
CA PRO B 276 9.50 2.62 6.63
C PRO B 276 8.59 3.69 7.21
N MET B 277 9.13 4.50 8.12
CA MET B 277 8.38 5.62 8.69
C MET B 277 8.10 6.69 7.65
N ILE B 278 9.02 6.85 6.69
CA ILE B 278 8.80 7.71 5.53
C ILE B 278 8.92 6.80 4.29
N GLU B 279 7.86 6.74 3.50
CA GLU B 279 7.80 5.91 2.29
C GLU B 279 7.92 6.80 1.08
N LEU B 280 8.91 6.51 0.23
CA LEU B 280 9.12 7.22 -1.01
C LEU B 280 8.77 6.32 -2.19
N SER B 281 8.30 6.96 -3.25
CA SER B 281 8.20 6.29 -4.56
C SER B 281 9.63 6.02 -5.04
N PRO B 282 9.81 5.07 -5.96
CA PRO B 282 11.20 4.77 -6.38
C PRO B 282 11.94 5.93 -7.08
N ASP B 283 11.20 6.88 -7.63
CA ASP B 283 11.79 8.11 -8.20
C ASP B 283 11.88 9.28 -7.20
N GLY B 284 11.64 9.02 -5.91
CA GLY B 284 11.94 9.99 -4.85
C GLY B 284 10.79 10.78 -4.26
N GLU B 285 9.58 10.68 -4.85
CA GLU B 285 8.43 11.42 -4.34
C GLU B 285 7.95 10.81 -3.02
N MET B 286 7.65 11.67 -2.06
CA MET B 286 7.17 11.23 -0.75
C MET B 286 5.72 10.82 -0.88
N ILE B 287 5.41 9.58 -0.50
CA ILE B 287 4.04 9.06 -0.67
C ILE B 287 3.31 8.67 0.62
N ALA B 288 4.03 8.37 1.70
CA ALA B 288 3.35 7.99 2.95
C ALA B 288 4.21 8.16 4.21
N ILE B 289 3.52 8.40 5.33
CA ILE B 289 4.12 8.48 6.66
C ILE B 289 3.45 7.46 7.57
N ARG B 290 4.25 6.76 8.37
CA ARG B 290 3.78 5.85 9.40
C ARG B 290 4.51 6.20 10.69
N PHE B 291 3.77 6.66 11.69
CA PHE B 291 4.34 7.10 12.96
C PHE B 291 3.35 6.84 14.08
N ASN B 292 3.71 5.94 14.99
CA ASN B 292 2.84 5.56 16.09
C ASN B 292 3.71 4.98 17.19
N ASN B 293 3.84 5.70 18.31
CA ASN B 293 4.71 5.23 19.40
C ASN B 293 4.22 3.93 20.04
N ARG B 294 2.91 3.73 20.08
CA ARG B 294 2.33 2.62 20.83
C ARG B 294 2.57 1.28 20.15
N SER B 295 2.58 1.26 18.81
CA SER B 295 2.70 0.01 18.07
C SER B 295 4.05 -0.23 17.37
N SER B 296 5.01 0.66 17.59
CA SER B 296 6.38 0.42 17.11
C SER B 296 6.92 -0.84 17.77
N ALA B 297 7.55 -1.69 16.95
CA ALA B 297 8.04 -3.00 17.37
C ALA B 297 9.55 -3.01 17.18
N PRO B 298 10.24 -4.07 17.65
CA PRO B 298 11.71 -4.08 17.51
C PRO B 298 12.19 -3.90 16.09
N PHE B 299 13.07 -2.91 15.86
CA PHE B 299 13.61 -2.66 14.51
C PHE B 299 14.74 -3.66 14.24
N VAL B 300 14.40 -4.71 13.51
CA VAL B 300 15.33 -5.81 13.21
C VAL B 300 15.98 -5.72 11.82
N ASP B 301 15.56 -4.75 11.00
CA ASP B 301 15.96 -4.69 9.58
C ASP B 301 17.06 -3.68 9.30
N ILE B 302 17.40 -2.86 10.30
CA ILE B 302 18.33 -1.75 10.13
C ILE B 302 19.72 -2.28 10.46
N PRO B 303 20.70 -2.12 9.55
CA PRO B 303 22.02 -2.70 9.87
C PRO B 303 22.67 -2.05 11.09
N PHE B 304 23.50 -2.81 11.78
CA PHE B 304 24.15 -2.36 13.02
C PHE B 304 24.82 -0.99 12.85
N GLU B 305 25.52 -0.81 11.74
CA GLU B 305 26.31 0.40 11.50
C GLU B 305 25.48 1.66 11.23
N LYS B 306 24.17 1.50 10.97
CA LYS B 306 23.26 2.63 10.78
C LYS B 306 22.28 2.87 11.95
N MET B 307 22.22 1.94 12.92
CA MET B 307 21.17 2.00 13.96
C MET B 307 21.20 3.27 14.81
N GLU B 308 22.39 3.72 15.24
CA GLU B 308 22.47 4.92 16.08
C GLU B 308 21.97 6.17 15.38
N ALA B 309 22.47 6.40 14.16
CA ALA B 309 22.05 7.54 13.37
C ALA B 309 20.58 7.44 12.98
N TYR B 310 20.08 6.23 12.76
CA TYR B 310 18.65 6.02 12.50
C TYR B 310 17.83 6.50 13.71
N TYR B 311 18.22 6.05 14.90
CA TYR B 311 17.54 6.48 16.12
C TYR B 311 17.61 7.99 16.37
N ALA B 312 18.74 8.61 16.04
CA ALA B 312 18.86 10.06 16.15
C ALA B 312 17.85 10.78 15.23
N ALA B 313 17.75 10.32 13.99
CA ALA B 313 16.80 10.86 13.02
C ALA B 313 15.35 10.66 13.46
N TYR B 314 15.06 9.45 13.95
CA TYR B 314 13.75 9.06 14.49
C TYR B 314 13.34 10.01 15.62
N ARG B 315 14.25 10.21 16.58
CA ARG B 315 14.04 11.18 17.65
C ARG B 315 13.76 12.59 17.11
N ARG B 316 14.52 13.02 16.10
CA ARG B 316 14.34 14.36 15.53
C ARG B 316 12.98 14.52 14.86
N LEU B 317 12.54 13.49 14.13
CA LEU B 317 11.21 13.52 13.52
C LEU B 317 10.13 13.69 14.59
N GLY B 318 10.28 12.95 15.70
CA GLY B 318 9.39 13.05 16.85
C GLY B 318 9.30 14.44 17.45
N GLU B 319 10.43 15.15 17.48
CA GLU B 319 10.45 16.54 17.94
C GLU B 319 9.66 17.44 16.99
N PHE B 320 9.79 17.25 15.68
CA PHE B 320 8.98 18.02 14.73
C PHE B 320 7.48 17.70 14.89
N ILE B 321 7.17 16.43 15.14
CA ILE B 321 5.78 16.01 15.36
C ILE B 321 5.22 16.60 16.66
N ASP B 322 6.03 16.63 17.72
CA ASP B 322 5.66 17.22 19.02
C ASP B 322 5.64 18.76 19.07
N ASP B 323 6.17 19.43 18.06
CA ASP B 323 6.24 20.90 18.01
C ASP B 323 4.82 21.51 18.00
N PRO B 324 4.45 22.29 19.05
CA PRO B 324 3.11 22.90 19.10
C PRO B 324 2.74 23.75 17.88
N GLU B 325 3.73 24.37 17.24
CA GLU B 325 3.47 25.19 16.06
C GLU B 325 3.18 24.39 14.77
N MET B 326 3.30 23.06 14.84
CA MET B 326 2.91 22.18 13.72
C MET B 326 1.45 21.75 13.75
N GLY B 327 0.82 21.80 14.93
CA GLY B 327 -0.52 21.26 15.12
C GLY B 327 -1.64 22.23 14.78
N VAL B 328 -2.66 21.73 14.10
CA VAL B 328 -3.90 22.47 13.87
C VAL B 328 -4.92 21.86 14.82
N SER B 329 -5.47 22.69 15.72
CA SER B 329 -6.43 22.20 16.71
C SER B 329 -7.84 22.69 16.39
N PHE B 330 -8.83 21.89 16.77
CA PHE B 330 -10.24 22.26 16.61
C PHE B 330 -11.16 21.48 17.53
N LYS B 331 -12.34 22.06 17.78
CA LYS B 331 -13.39 21.46 18.60
C LYS B 331 -14.29 20.61 17.71
N LEU B 332 -14.79 19.51 18.25
CA LEU B 332 -15.88 18.75 17.62
C LEU B 332 -17.12 18.83 18.50
N GLU B 333 -18.17 19.46 17.98
CA GLU B 333 -19.50 19.43 18.59
C GLU B 333 -20.26 18.21 18.08
N PRO B 334 -21.35 17.81 18.76
CA PRO B 334 -22.16 16.70 18.26
C PRO B 334 -22.65 16.94 16.82
N GLY B 335 -22.54 15.91 15.99
CA GLY B 335 -22.88 16.02 14.58
C GLY B 335 -21.75 16.52 13.69
N GLU B 336 -20.60 16.86 14.28
CA GLU B 336 -19.44 17.29 13.51
C GLU B 336 -18.44 16.15 13.42
N SER B 337 -17.67 16.14 12.35
CA SER B 337 -16.70 15.08 12.11
C SER B 337 -15.53 15.60 11.31
N PHE B 338 -14.46 14.82 11.29
CA PHE B 338 -13.35 15.10 10.39
C PHE B 338 -12.77 13.84 9.79
N ILE B 339 -12.16 14.01 8.63
CA ILE B 339 -11.48 12.94 7.93
C ILE B 339 -10.01 13.32 7.85
N VAL B 340 -9.13 12.33 8.01
CA VAL B 340 -7.71 12.52 7.75
C VAL B 340 -7.26 11.50 6.72
N ASP B 341 -6.35 11.94 5.87
CA ASP B 341 -5.56 11.04 5.05
C ASP B 341 -4.59 10.37 6.00
N ASN B 342 -4.86 9.11 6.33
CA ASN B 342 -4.12 8.36 7.33
C ASN B 342 -2.76 7.84 6.83
N THR B 343 -2.46 8.06 5.55
CA THR B 343 -1.12 7.82 5.00
C THR B 343 -0.21 9.05 5.12
N ARG B 344 -0.72 10.14 5.69
CA ARG B 344 -0.01 11.43 5.69
C ARG B 344 -0.17 12.22 6.98
N VAL B 345 -1.42 12.48 7.35
CA VAL B 345 -1.74 13.39 8.45
C VAL B 345 -1.91 12.60 9.74
N LEU B 346 -1.17 13.00 10.77
CA LEU B 346 -1.23 12.37 12.09
C LEU B 346 -2.34 13.05 12.85
N HIS B 347 -2.89 12.36 13.84
CA HIS B 347 -3.89 12.96 14.71
C HIS B 347 -3.69 12.57 16.17
N ALA B 348 -4.32 13.35 17.04
CA ALA B 348 -4.34 13.10 18.48
C ALA B 348 -5.34 14.08 19.10
N ARG B 349 -5.31 14.20 20.42
CA ARG B 349 -6.02 15.27 21.10
C ARG B 349 -5.13 15.96 22.12
N LEU B 350 -5.50 17.18 22.47
CA LEU B 350 -4.92 17.86 23.62
C LEU B 350 -5.48 17.23 24.90
N GLY B 351 -4.96 17.66 26.04
CA GLY B 351 -5.46 17.19 27.33
C GLY B 351 -6.85 17.74 27.61
N TYR B 352 -7.64 16.98 28.36
CA TYR B 352 -8.91 17.46 28.88
C TYR B 352 -8.65 18.43 30.03
N SER B 353 -9.41 19.52 30.07
CA SER B 353 -9.28 20.55 31.12
C SER B 353 -10.39 20.49 32.18
N GLY B 354 -11.39 19.63 31.98
CA GLY B 354 -12.52 19.51 32.92
C GLY B 354 -13.27 18.20 32.77
N SER B 355 -14.04 17.86 33.80
CA SER B 355 -14.75 16.59 33.87
C SER B 355 -16.01 16.52 32.99
N GLY B 356 -16.40 15.30 32.64
CA GLY B 356 -17.55 15.04 31.79
C GLY B 356 -17.35 13.77 30.99
N SER B 357 -18.10 13.63 29.90
CA SER B 357 -17.98 12.47 29.01
C SER B 357 -17.88 12.90 27.56
N ARG B 358 -17.43 11.97 26.73
CA ARG B 358 -17.38 12.17 25.29
C ARG B 358 -17.68 10.85 24.59
N TRP B 359 -18.38 10.95 23.46
CA TRP B 359 -18.70 9.80 22.63
C TRP B 359 -18.38 10.15 21.19
N LEU B 360 -17.34 9.54 20.65
CA LEU B 360 -17.04 9.61 19.23
C LEU B 360 -17.25 8.23 18.62
N GLN B 361 -17.41 8.20 17.30
CA GLN B 361 -17.38 6.96 16.55
C GLN B 361 -16.27 7.10 15.51
N GLY B 362 -15.58 6.00 15.25
CA GLY B 362 -14.44 6.00 14.34
C GLY B 362 -14.57 4.92 13.29
N CYS B 363 -14.07 5.20 12.09
CA CYS B 363 -14.02 4.19 11.04
C CYS B 363 -12.92 4.53 10.05
N TYR B 364 -12.62 3.57 9.19
CA TYR B 364 -11.64 3.73 8.14
C TYR B 364 -12.30 3.61 6.78
N ALA B 365 -11.78 4.34 5.80
CA ALA B 365 -12.18 4.20 4.41
C ALA B 365 -10.91 4.27 3.56
N ASP B 366 -11.04 4.16 2.24
CA ASP B 366 -9.84 4.18 1.38
C ASP B 366 -9.81 5.29 0.33
N LYS B 367 -8.62 5.85 0.15
CA LYS B 367 -8.39 7.04 -0.67
C LYS B 367 -8.71 6.86 -2.14
N ASP B 368 -8.52 5.65 -2.66
CA ASP B 368 -8.79 5.40 -4.08
C ASP B 368 -10.23 5.79 -4.46
N GLY B 369 -11.18 5.48 -3.58
CA GLY B 369 -12.58 5.80 -3.80
C GLY B 369 -12.83 7.29 -3.74
N LEU B 370 -12.21 7.95 -2.77
CA LEU B 370 -12.28 9.41 -2.66
C LEU B 370 -11.76 10.07 -3.93
N PHE B 371 -10.58 9.64 -4.40
CA PHE B 371 -10.01 10.23 -5.62
C PHE B 371 -10.87 9.98 -6.85
N SER B 372 -11.47 8.79 -6.95
CA SER B 372 -12.39 8.46 -8.05
C SER B 372 -13.60 9.38 -8.07
N THR B 373 -14.21 9.55 -6.90
CA THR B 373 -15.37 10.43 -6.75
C THR B 373 -15.00 11.88 -7.12
N LEU B 374 -13.85 12.34 -6.62
CA LEU B 374 -13.30 13.66 -6.99
C LEU B 374 -13.06 13.81 -8.50
N ASN B 375 -12.45 12.79 -9.11
CA ASN B 375 -12.23 12.78 -10.55
C ASN B 375 -13.55 12.89 -11.33
N VAL B 376 -14.54 12.12 -10.91
CA VAL B 376 -15.88 12.12 -11.53
C VAL B 376 -16.55 13.49 -11.38
N LEU B 377 -16.46 14.09 -10.19
CA LEU B 377 -17.01 15.42 -9.93
C LEU B 377 -16.33 16.50 -10.78
N ASN B 378 -15.01 16.46 -10.88
CA ASN B 378 -14.28 17.41 -11.73
C ASN B 378 -14.70 17.33 -13.21
N ALA B 379 -14.87 16.11 -13.71
CA ALA B 379 -15.36 15.89 -15.07
C ALA B 379 -16.80 16.39 -15.25
N GLN B 380 -17.65 16.14 -14.25
CA GLN B 380 -19.05 16.64 -14.26
C GLN B 380 -19.13 18.16 -14.20
N LEU B 381 -18.24 18.78 -13.42
CA LEU B 381 -18.20 20.25 -13.25
C LEU B 381 -17.35 20.99 -14.29
N GLY B 382 -16.49 20.27 -15.02
CA GLY B 382 -15.53 20.89 -15.94
C GLY B 382 -16.14 21.30 -17.26
#